data_9LB7
#
_entry.id   9LB7
#
_cell.length_a   181.376
_cell.length_b   62.165
_cell.length_c   77.265
_cell.angle_alpha   90.000
_cell.angle_beta   106.090
_cell.angle_gamma   90.000
#
_symmetry.space_group_name_H-M   'C 1 2 1'
#
loop_
_entity.id
_entity.type
_entity.pdbx_description
1 polymer 'Trehalose-6-phosphate hydrolase'
2 non-polymer 1-O-phosphono-beta-D-glucopyranose
3 non-polymer 'MAGNESIUM ION'
4 water water
#
_entity_poly.entity_id   1
_entity_poly.type   'polypeptide(L)'
_entity_poly.pdbx_seq_one_letter_code
;AWRLMYNGLETEKRAYGQESLLTLGNGYVGWRGASVFQSFDEHNYPGLYVAGVFNQTRTEVANKDVVNEDMVNLPNPQLF
KLTLDDQPVVINHDTITHREAGVDFQNGLFTEELTVAVPQGQLTLRTVKAVDPKQYHMLGIQLAITADFSAQLQVESIID
GTLLNQNVARYRAFDSREFNVTEIAGDILTAKTRSTDIDIVVGAETTSDVMTFQNVEGPADMQVSTGEVTLQTNQTVQID
KLIAIGTSYELSEPLVFVQAALATHSVDKVIESSTAYWQEVWETADIQLDSDDPDMQLMIRMNIFHIRQAAQHEANKDLD
ASVGSRGLTGEGYRGHIFWDEIFVVPYYAANDPETARDILRYRIKRIDAAKKNAILDGEAGAMFPWQSGMYGDEQSQFIH
LNTVNNEWEPDNSRLQRHVSLTIAYNIWVYTQITGDTSLLREGGLELLLETTKFWLNKAEEDADGRYHIAGVMGPDEYHE
AYPGTEAGGIKDNAYTNLMLTWSLNWLLELAETQTEMFESVAHETDFGSDWLNLAKNVSKGLALEISPEGIIAQYAGYFD
LEAVDFAAYEAKYGDIHRIDRLLKAEGLSPDDYQVAKQADTLMTIYNLGNRHMAKLVAQLGYDLPENWLALNKDYYLART
VHGSTTSRPVFAGIDVTLNNMDEALDYLTTAIGSDYYDIQGGTTAEGVHIGVMGETLEVIQNEFGGVMLRDGLVSIAPNL
PTSWHRLAFTQKYRGTMLTFEMTPEAVTVMADAPLDVEVYGQPVSLAANTAQTFTKG
;
_entity_poly.pdbx_strand_id   A
#
loop_
_chem_comp.id
_chem_comp.type
_chem_comp.name
_chem_comp.formula
MG non-polymer 'MAGNESIUM ION' 'Mg 2'
XGP D-saccharide 1-O-phosphono-beta-D-glucopyranose 'C6 H13 O9 P'
#
# COMPACT_ATOMS: atom_id res chain seq x y z
N ALA A 1 6.47 -21.22 -8.11
CA ALA A 1 6.31 -21.42 -6.67
C ALA A 1 6.99 -20.31 -5.87
N TRP A 2 8.19 -19.92 -6.31
CA TRP A 2 8.95 -18.88 -5.64
C TRP A 2 9.32 -17.70 -6.53
N ARG A 3 9.23 -17.86 -7.86
CA ARG A 3 9.74 -16.87 -8.80
C ARG A 3 8.60 -16.36 -9.67
N LEU A 4 8.36 -15.05 -9.62
CA LEU A 4 7.45 -14.41 -10.56
C LEU A 4 8.19 -14.19 -11.88
N MET A 5 7.74 -14.84 -12.95
CA MET A 5 8.48 -14.85 -14.20
C MET A 5 7.58 -14.43 -15.36
N TYR A 6 8.15 -13.67 -16.30
CA TYR A 6 7.49 -13.27 -17.53
C TYR A 6 8.37 -13.62 -18.71
N ASN A 7 7.75 -14.14 -19.77
CA ASN A 7 8.45 -14.50 -20.99
C ASN A 7 7.76 -13.83 -22.17
N GLY A 8 8.52 -13.10 -22.96
CA GLY A 8 7.98 -12.43 -24.13
C GLY A 8 7.81 -10.94 -23.91
N LEU A 9 7.84 -10.19 -25.00
CA LEU A 9 7.71 -8.74 -24.94
C LEU A 9 6.25 -8.34 -24.75
N GLU A 10 6.01 -7.45 -23.78
CA GLU A 10 4.73 -6.79 -23.64
C GLU A 10 4.87 -5.33 -24.07
N THR A 11 3.72 -4.67 -24.23
CA THR A 11 3.70 -3.28 -24.68
C THR A 11 2.75 -2.47 -23.82
N GLU A 12 3.03 -1.18 -23.74
CA GLU A 12 2.13 -0.15 -23.20
C GLU A 12 1.90 -0.44 -21.71
N LYS A 13 0.65 -0.34 -21.23
CA LYS A 13 0.35 -0.52 -19.83
C LYS A 13 0.61 -1.94 -19.36
N ARG A 14 0.59 -2.92 -20.26
CA ARG A 14 0.98 -4.28 -19.88
C ARG A 14 2.47 -4.36 -19.58
N ALA A 15 3.28 -3.62 -20.34
CA ALA A 15 4.71 -3.58 -20.06
C ALA A 15 5.00 -2.82 -18.77
N TYR A 16 4.31 -1.70 -18.56
CA TYR A 16 4.44 -0.95 -17.30
C TYR A 16 4.02 -1.83 -16.13
N GLY A 17 2.98 -2.63 -16.32
CA GLY A 17 2.45 -3.42 -15.22
C GLY A 17 3.42 -4.49 -14.74
N GLN A 18 4.06 -5.20 -15.67
CA GLN A 18 5.13 -6.12 -15.28
C GLN A 18 6.22 -5.39 -14.50
N GLU A 19 6.61 -4.21 -14.99
CA GLU A 19 7.62 -3.41 -14.31
C GLU A 19 7.24 -3.14 -12.86
N SER A 20 5.94 -2.94 -12.61
CA SER A 20 5.50 -2.64 -11.24
C SER A 20 5.66 -3.85 -10.34
N LEU A 21 5.20 -5.02 -10.80
CA LEU A 21 5.29 -6.22 -9.97
C LEU A 21 6.71 -6.75 -9.83
N LEU A 22 7.60 -6.40 -10.75
CA LEU A 22 9.01 -6.76 -10.65
C LEU A 22 9.82 -5.75 -9.86
N THR A 23 9.17 -4.74 -9.27
CA THR A 23 9.88 -3.72 -8.53
C THR A 23 10.57 -4.31 -7.30
N LEU A 24 11.81 -3.91 -7.08
CA LEU A 24 12.57 -4.30 -5.89
C LEU A 24 12.60 -3.14 -4.91
N GLY A 25 12.52 -3.46 -3.62
CA GLY A 25 12.44 -2.41 -2.62
C GLY A 25 12.87 -2.91 -1.26
N ASN A 26 13.12 -1.94 -0.36
CA ASN A 26 13.63 -2.24 0.96
C ASN A 26 13.17 -1.22 2.00
N GLY A 27 11.98 -0.66 1.83
CA GLY A 27 11.48 0.34 2.76
C GLY A 27 12.00 1.74 2.46
N TYR A 28 13.27 1.85 2.09
CA TYR A 28 13.85 3.14 1.79
C TYR A 28 13.73 3.51 0.31
N VAL A 29 13.93 2.55 -0.59
CA VAL A 29 13.79 2.82 -2.01
C VAL A 29 12.74 1.89 -2.61
N GLY A 30 12.10 2.38 -3.66
CA GLY A 30 11.33 1.56 -4.57
C GLY A 30 11.92 1.66 -5.96
N TRP A 31 12.33 0.54 -6.52
CA TRP A 31 13.13 0.51 -7.75
C TRP A 31 12.37 -0.31 -8.79
N ARG A 32 11.71 0.38 -9.72
CA ARG A 32 10.83 -0.28 -10.66
C ARG A 32 11.58 -1.30 -11.51
N GLY A 33 10.96 -2.46 -11.73
CA GLY A 33 11.54 -3.49 -12.55
C GLY A 33 11.58 -3.19 -14.04
N ALA A 34 12.27 -2.12 -14.43
CA ALA A 34 12.43 -1.77 -15.83
C ALA A 34 13.81 -2.20 -16.33
N SER A 35 13.90 -2.37 -17.65
CA SER A 35 15.16 -2.78 -18.26
C SER A 35 16.21 -1.68 -18.09
N VAL A 36 17.46 -2.10 -17.88
CA VAL A 36 18.56 -1.15 -17.72
C VAL A 36 18.92 -0.43 -19.01
N PHE A 37 18.42 -0.89 -20.15
CA PHE A 37 18.80 -0.34 -21.44
C PHE A 37 17.81 0.70 -21.97
N GLN A 38 16.72 0.95 -21.26
CA GLN A 38 15.64 1.77 -21.77
C GLN A 38 15.37 2.97 -20.86
N SER A 39 14.82 4.02 -21.48
CA SER A 39 14.30 5.19 -20.80
C SER A 39 12.78 5.22 -20.98
N PHE A 40 12.16 6.26 -20.45
CA PHE A 40 10.72 6.38 -20.53
C PHE A 40 10.27 6.49 -21.98
N ASP A 41 9.50 5.51 -22.43
CA ASP A 41 8.84 5.55 -23.72
C ASP A 41 7.51 4.83 -23.58
N GLU A 42 6.96 4.35 -24.70
CA GLU A 42 5.63 3.75 -24.65
C GLU A 42 5.62 2.37 -24.03
N HIS A 43 6.77 1.68 -23.99
CA HIS A 43 6.85 0.34 -23.42
C HIS A 43 7.79 0.24 -22.23
N ASN A 44 8.31 1.36 -21.72
CA ASN A 44 9.28 1.31 -20.64
C ASN A 44 9.08 2.51 -19.71
N TYR A 45 9.29 2.28 -18.41
CA TYR A 45 9.28 3.37 -17.43
C TYR A 45 10.22 3.00 -16.29
N PRO A 46 11.47 3.45 -16.33
CA PRO A 46 12.33 3.32 -15.15
C PRO A 46 11.84 4.20 -14.02
N GLY A 47 11.89 3.67 -12.81
CA GLY A 47 11.41 4.39 -11.66
C GLY A 47 12.22 4.14 -10.39
N LEU A 48 12.66 5.22 -9.73
CA LEU A 48 13.36 5.13 -8.46
C LEU A 48 12.72 6.12 -7.50
N TYR A 49 12.28 5.63 -6.35
CA TYR A 49 11.56 6.44 -5.38
C TYR A 49 12.16 6.24 -4.00
N VAL A 50 12.06 7.27 -3.16
CA VAL A 50 12.59 7.26 -1.81
C VAL A 50 11.46 7.58 -0.85
N ALA A 51 11.43 6.89 0.29
CA ALA A 51 10.36 7.07 1.26
C ALA A 51 10.30 8.51 1.75
N GLY A 52 9.16 9.16 1.51
CA GLY A 52 8.91 10.49 2.02
C GLY A 52 9.48 11.64 1.23
N VAL A 53 10.04 11.39 0.04
CA VAL A 53 10.63 12.43 -0.78
C VAL A 53 9.58 12.86 -1.80
N PHE A 54 8.93 13.99 -1.51
CA PHE A 54 7.89 14.55 -2.38
C PHE A 54 8.33 15.92 -2.90
N ASN A 55 7.69 16.34 -3.98
CA ASN A 55 7.86 17.67 -4.53
C ASN A 55 6.50 18.23 -4.91
N GLN A 56 6.35 19.53 -4.73
CA GLN A 56 5.10 20.23 -5.06
C GLN A 56 5.30 21.04 -6.33
N THR A 57 4.48 20.76 -7.33
CA THR A 57 4.49 21.49 -8.60
C THR A 57 3.27 22.41 -8.66
N ARG A 58 3.40 23.49 -9.44
CA ARG A 58 2.32 24.42 -9.68
C ARG A 58 2.02 24.43 -11.17
N THR A 59 0.82 24.01 -11.53
CA THR A 59 0.36 24.01 -12.93
C THR A 59 -0.90 24.85 -13.01
N GLU A 60 -0.87 25.87 -13.85
CA GLU A 60 -2.03 26.73 -14.05
C GLU A 60 -2.97 26.10 -15.07
N VAL A 61 -4.20 25.82 -14.65
CA VAL A 61 -5.26 25.37 -15.55
C VAL A 61 -6.48 26.24 -15.30
N ALA A 62 -7.01 26.82 -16.38
CA ALA A 62 -8.24 27.62 -16.34
C ALA A 62 -8.16 28.74 -15.28
N ASN A 63 -7.07 29.50 -15.35
CA ASN A 63 -6.86 30.68 -14.50
C ASN A 63 -6.72 30.34 -13.02
N LYS A 64 -6.38 29.09 -12.70
CA LYS A 64 -6.16 28.70 -11.31
C LYS A 64 -4.91 27.83 -11.24
N ASP A 65 -4.15 28.01 -10.18
CA ASP A 65 -2.90 27.27 -9.98
C ASP A 65 -3.19 25.97 -9.24
N VAL A 66 -2.94 24.85 -9.89
CA VAL A 66 -3.14 23.53 -9.30
C VAL A 66 -1.82 23.07 -8.70
N VAL A 67 -1.81 22.87 -7.38
CA VAL A 67 -0.64 22.39 -6.66
C VAL A 67 -0.78 20.89 -6.45
N ASN A 68 0.24 20.14 -6.88
CA ASN A 68 0.27 18.69 -6.72
C ASN A 68 1.53 18.30 -5.98
N GLU A 69 1.39 17.53 -4.92
CA GLU A 69 2.53 16.93 -4.26
C GLU A 69 2.85 15.60 -4.92
N ASP A 70 4.01 15.53 -5.56
CA ASP A 70 4.43 14.36 -6.33
C ASP A 70 5.54 13.63 -5.60
N MET A 71 5.36 12.33 -5.40
CA MET A 71 6.47 11.47 -5.01
C MET A 71 7.48 11.44 -6.15
N VAL A 72 8.72 11.82 -5.84
CA VAL A 72 9.70 12.15 -6.88
C VAL A 72 10.30 10.89 -7.46
N ASN A 73 10.30 10.78 -8.78
CA ASN A 73 11.13 9.82 -9.48
C ASN A 73 12.55 10.35 -9.54
N LEU A 74 13.48 9.67 -8.88
CA LEU A 74 14.86 10.11 -8.79
C LEU A 74 15.52 10.04 -10.17
N PRO A 75 16.68 10.68 -10.34
CA PRO A 75 17.48 10.43 -11.54
C PRO A 75 17.77 8.94 -11.69
N ASN A 76 17.68 8.46 -12.92
CA ASN A 76 17.76 7.04 -13.22
C ASN A 76 19.21 6.57 -13.18
N PRO A 77 19.60 5.81 -12.16
CA PRO A 77 21.00 5.37 -12.04
C PRO A 77 21.32 4.07 -12.76
N GLN A 78 20.35 3.46 -13.44
CA GLN A 78 20.54 2.14 -14.03
C GLN A 78 20.73 2.16 -15.54
N LEU A 79 20.71 3.33 -16.16
CA LEU A 79 20.71 3.42 -17.61
C LEU A 79 22.06 2.97 -18.18
N PHE A 80 22.00 2.10 -19.19
CA PHE A 80 23.18 1.60 -19.89
C PHE A 80 22.98 1.78 -21.39
N LYS A 81 23.97 2.34 -22.05
CA LYS A 81 23.99 2.45 -23.51
C LYS A 81 25.21 1.72 -24.04
N LEU A 82 25.01 0.90 -25.06
CA LEU A 82 26.07 0.08 -25.63
C LEU A 82 26.46 0.61 -27.01
N THR A 83 27.65 0.22 -27.45
CA THR A 83 28.15 0.67 -28.74
C THR A 83 29.13 -0.36 -29.28
N LEU A 84 28.92 -0.78 -30.53
CA LEU A 84 29.78 -1.74 -31.21
C LEU A 84 30.43 -1.06 -32.41
N ASP A 85 31.77 -1.04 -32.41
CA ASP A 85 32.55 -0.43 -33.50
C ASP A 85 32.06 0.98 -33.80
N ASP A 86 31.88 1.75 -32.72
CA ASP A 86 31.38 3.13 -32.77
C ASP A 86 30.02 3.23 -33.45
N GLN A 87 29.26 2.13 -33.50
CA GLN A 87 27.90 2.14 -34.01
C GLN A 87 26.96 1.80 -32.86
N PRO A 88 25.97 2.65 -32.57
CA PRO A 88 25.13 2.43 -31.39
C PRO A 88 24.33 1.13 -31.49
N VAL A 89 24.13 0.49 -30.33
CA VAL A 89 23.33 -0.72 -30.23
C VAL A 89 21.89 -0.31 -29.96
N VAL A 90 21.02 -0.55 -30.93
CA VAL A 90 19.61 -0.19 -30.81
C VAL A 90 18.88 -1.37 -30.16
N ILE A 91 18.38 -1.16 -28.95
CA ILE A 91 17.68 -2.19 -28.19
C ILE A 91 16.22 -1.75 -28.06
N ASN A 92 15.37 -2.24 -28.94
CA ASN A 92 13.94 -1.94 -28.89
C ASN A 92 13.17 -3.23 -29.16
N HIS A 93 11.87 -3.09 -29.45
CA HIS A 93 11.03 -4.26 -29.65
C HIS A 93 11.26 -4.92 -31.00
N ASP A 94 11.87 -4.22 -31.95
CA ASP A 94 12.12 -4.79 -33.27
C ASP A 94 13.45 -5.53 -33.35
N THR A 95 14.33 -5.37 -32.37
CA THR A 95 15.61 -6.05 -32.36
C THR A 95 15.78 -7.04 -31.21
N ILE A 96 14.95 -6.97 -30.19
CA ILE A 96 15.00 -7.94 -29.09
C ILE A 96 14.34 -9.24 -29.56
N THR A 97 15.10 -10.33 -29.56
CA THR A 97 14.62 -11.61 -30.08
C THR A 97 14.12 -12.56 -29.01
N HIS A 98 14.70 -12.52 -27.81
CA HIS A 98 14.23 -13.31 -26.68
C HIS A 98 14.28 -12.44 -25.43
N ARG A 99 13.22 -12.49 -24.64
CA ARG A 99 13.12 -11.67 -23.45
C ARG A 99 12.43 -12.45 -22.34
N GLU A 100 13.06 -12.48 -21.16
CA GLU A 100 12.40 -12.98 -19.97
C GLU A 100 12.92 -12.21 -18.78
N ALA A 101 12.01 -11.73 -17.94
CA ALA A 101 12.35 -10.99 -16.74
C ALA A 101 11.57 -11.58 -15.57
N GLY A 102 12.12 -11.42 -14.37
CA GLY A 102 11.46 -11.95 -13.19
C GLY A 102 12.21 -11.62 -11.93
N VAL A 103 11.50 -11.81 -10.82
CA VAL A 103 12.05 -11.59 -9.48
C VAL A 103 11.99 -12.91 -8.72
N ASP A 104 13.11 -13.31 -8.14
CA ASP A 104 13.18 -14.51 -7.31
C ASP A 104 12.90 -14.09 -5.87
N PHE A 105 11.72 -14.46 -5.37
CA PHE A 105 11.32 -14.07 -4.02
C PHE A 105 12.16 -14.73 -2.93
N GLN A 106 12.96 -15.75 -3.28
CA GLN A 106 13.79 -16.40 -2.27
C GLN A 106 15.00 -15.57 -1.89
N ASN A 107 15.56 -14.82 -2.84
CA ASN A 107 16.72 -13.97 -2.57
C ASN A 107 16.50 -12.50 -2.91
N GLY A 108 15.35 -12.14 -3.49
CA GLY A 108 15.07 -10.75 -3.79
C GLY A 108 15.78 -10.19 -5.00
N LEU A 109 16.20 -11.04 -5.93
CA LEU A 109 17.02 -10.62 -7.06
C LEU A 109 16.18 -10.53 -8.34
N PHE A 110 16.32 -9.41 -9.05
CA PHE A 110 15.68 -9.21 -10.34
C PHE A 110 16.63 -9.67 -11.43
N THR A 111 16.13 -10.46 -12.37
CA THR A 111 16.88 -10.87 -13.54
C THR A 111 16.14 -10.45 -14.80
N GLU A 112 16.91 -10.11 -15.84
CA GLU A 112 16.36 -9.90 -17.18
C GLU A 112 17.32 -10.53 -18.17
N GLU A 113 16.85 -11.54 -18.90
CA GLU A 113 17.65 -12.25 -19.89
C GLU A 113 17.18 -11.84 -21.28
N LEU A 114 18.04 -11.14 -22.01
CA LEU A 114 17.72 -10.62 -23.33
C LEU A 114 18.67 -11.20 -24.38
N THR A 115 18.19 -11.19 -25.62
CA THR A 115 19.02 -11.43 -26.79
C THR A 115 18.66 -10.37 -27.83
N VAL A 116 19.65 -9.62 -28.27
CA VAL A 116 19.46 -8.53 -29.22
C VAL A 116 20.10 -8.91 -30.55
N ALA A 117 19.40 -8.62 -31.64
CA ALA A 117 19.97 -8.81 -32.97
C ALA A 117 20.70 -7.53 -33.38
N VAL A 118 22.00 -7.65 -33.61
CA VAL A 118 22.83 -6.52 -34.02
C VAL A 118 23.31 -6.77 -35.44
N PRO A 119 23.71 -5.73 -36.16
CA PRO A 119 24.13 -5.94 -37.56
C PRO A 119 25.22 -6.99 -37.74
N GLN A 120 25.98 -7.32 -36.69
CA GLN A 120 27.09 -8.26 -36.80
C GLN A 120 26.81 -9.59 -36.13
N GLY A 121 25.64 -9.77 -35.56
CA GLY A 121 25.30 -11.03 -34.95
C GLY A 121 24.24 -10.83 -33.87
N GLN A 122 24.41 -11.53 -32.76
CA GLN A 122 23.47 -11.51 -31.64
C GLN A 122 24.18 -11.10 -30.36
N LEU A 123 23.52 -10.23 -29.60
CA LEU A 123 24.01 -9.80 -28.31
C LEU A 123 23.14 -10.40 -27.21
N THR A 124 23.76 -11.18 -26.33
CA THR A 124 23.07 -11.76 -25.18
C THR A 124 23.34 -10.88 -23.96
N LEU A 125 22.27 -10.40 -23.33
CA LEU A 125 22.36 -9.46 -22.22
C LEU A 125 21.56 -10.01 -21.04
N ARG A 126 22.24 -10.30 -19.94
CA ARG A 126 21.60 -10.75 -18.72
C ARG A 126 21.89 -9.76 -17.60
N THR A 127 20.84 -9.26 -16.96
CA THR A 127 20.95 -8.24 -15.93
C THR A 127 20.46 -8.80 -14.61
N VAL A 128 21.24 -8.57 -13.55
CA VAL A 128 20.82 -8.85 -12.18
C VAL A 128 20.74 -7.52 -11.46
N LYS A 129 19.58 -7.22 -10.90
CA LYS A 129 19.37 -6.04 -10.07
C LYS A 129 19.05 -6.50 -8.65
N ALA A 130 19.55 -5.76 -7.68
CA ALA A 130 19.38 -6.16 -6.29
C ALA A 130 19.28 -4.90 -5.44
N VAL A 131 18.71 -5.02 -4.24
CA VAL A 131 18.77 -3.94 -3.27
C VAL A 131 19.24 -4.51 -1.93
N ASP A 132 20.05 -3.73 -1.21
CA ASP A 132 20.58 -4.15 0.07
C ASP A 132 19.60 -3.75 1.18
N PRO A 133 19.01 -4.69 1.91
CA PRO A 133 18.07 -4.33 2.97
C PRO A 133 18.74 -3.95 4.29
N LYS A 134 20.05 -4.12 4.42
CA LYS A 134 20.80 -3.73 5.60
C LYS A 134 21.47 -2.37 5.42
N GLN A 135 22.43 -2.29 4.49
CA GLN A 135 22.92 -1.00 4.00
C GLN A 135 21.89 -0.49 2.98
N TYR A 136 20.74 -0.07 3.51
CA TYR A 136 19.54 0.13 2.69
C TYR A 136 19.64 1.30 1.74
N HIS A 137 20.75 2.04 1.74
CA HIS A 137 21.00 3.07 0.74
C HIS A 137 21.67 2.52 -0.51
N MET A 138 22.00 1.23 -0.51
CA MET A 138 22.86 0.65 -1.54
C MET A 138 22.05 -0.16 -2.54
N LEU A 139 22.42 0.00 -3.79
CA LEU A 139 21.84 -0.73 -4.90
C LEU A 139 22.99 -1.30 -5.71
N GLY A 140 22.72 -2.29 -6.53
CA GLY A 140 23.75 -2.81 -7.38
C GLY A 140 23.19 -3.58 -8.55
N ILE A 141 23.97 -3.62 -9.62
CA ILE A 141 23.54 -4.16 -10.91
C ILE A 141 24.65 -5.08 -11.40
N GLN A 142 24.27 -6.28 -11.84
CA GLN A 142 25.20 -7.22 -12.46
C GLN A 142 24.80 -7.33 -13.93
N LEU A 143 25.70 -6.94 -14.83
CA LEU A 143 25.44 -6.95 -16.25
C LEU A 143 26.43 -7.86 -16.94
N ALA A 144 25.92 -8.78 -17.76
CA ALA A 144 26.74 -9.74 -18.48
C ALA A 144 26.45 -9.60 -19.97
N ILE A 145 27.49 -9.26 -20.75
CA ILE A 145 27.38 -9.06 -22.19
C ILE A 145 28.14 -10.17 -22.89
N THR A 146 27.48 -10.81 -23.85
CA THR A 146 28.10 -11.86 -24.65
C THR A 146 27.70 -11.70 -26.10
N ALA A 147 28.67 -11.87 -27.00
CA ALA A 147 28.44 -11.80 -28.43
C ALA A 147 29.02 -13.03 -29.10
N ASP A 148 28.35 -13.51 -30.14
CA ASP A 148 28.86 -14.58 -30.99
C ASP A 148 29.75 -14.06 -32.10
N PHE A 149 30.47 -12.97 -31.86
CA PHE A 149 31.34 -12.35 -32.83
C PHE A 149 32.37 -11.52 -32.08
N SER A 150 33.12 -10.69 -32.81
CA SER A 150 34.15 -9.85 -32.21
C SER A 150 34.06 -8.44 -32.76
N ALA A 151 34.06 -7.46 -31.85
CA ALA A 151 34.03 -6.05 -32.23
C ALA A 151 34.45 -5.24 -31.01
N GLN A 152 34.63 -3.93 -31.24
CA GLN A 152 34.92 -3.00 -30.16
C GLN A 152 33.63 -2.60 -29.46
N LEU A 153 33.53 -2.91 -28.17
CA LEU A 153 32.35 -2.59 -27.38
C LEU A 153 32.68 -1.46 -26.41
N GLN A 154 31.91 -0.37 -26.49
CA GLN A 154 32.00 0.72 -25.52
C GLN A 154 30.72 0.73 -24.70
N VAL A 155 30.86 0.61 -23.38
CA VAL A 155 29.74 0.66 -22.45
C VAL A 155 29.69 2.04 -21.82
N GLU A 156 28.50 2.66 -21.83
CA GLU A 156 28.25 3.92 -21.15
C GLU A 156 27.31 3.66 -19.98
N SER A 157 27.78 3.98 -18.77
CA SER A 157 27.03 3.77 -17.53
C SER A 157 26.58 5.13 -17.03
N ILE A 158 25.26 5.37 -17.04
CA ILE A 158 24.69 6.70 -16.94
C ILE A 158 23.83 6.82 -15.68
N ILE A 159 23.91 7.97 -15.03
CA ILE A 159 22.87 8.46 -14.13
C ILE A 159 22.12 9.55 -14.87
N ASP A 160 20.88 9.27 -15.26
CA ASP A 160 20.11 10.18 -16.11
C ASP A 160 19.28 11.11 -15.22
N GLY A 161 19.69 12.37 -15.14
CA GLY A 161 18.97 13.36 -14.38
C GLY A 161 18.15 14.30 -15.24
N THR A 162 17.71 13.82 -16.40
CA THR A 162 16.87 14.60 -17.30
C THR A 162 15.42 14.13 -17.30
N LEU A 163 15.08 13.12 -16.51
CA LEU A 163 13.75 12.53 -16.58
C LEU A 163 12.73 13.37 -15.81
N LEU A 164 11.46 13.05 -16.05
CA LEU A 164 10.32 13.65 -15.35
C LEU A 164 9.49 12.55 -14.71
N ASN A 165 8.46 12.97 -13.97
CA ASN A 165 7.43 12.06 -13.49
C ASN A 165 6.43 11.84 -14.61
N GLN A 166 6.42 10.64 -15.20
CA GLN A 166 5.60 10.37 -16.37
C GLN A 166 4.86 9.04 -16.30
N ASN A 167 4.83 8.40 -15.13
CA ASN A 167 4.24 7.06 -15.03
C ASN A 167 2.73 7.09 -15.25
N VAL A 168 2.04 8.04 -14.63
CA VAL A 168 0.59 8.13 -14.73
C VAL A 168 0.23 8.99 -15.94
N ALA A 169 -0.56 8.42 -16.84
CA ALA A 169 -0.89 9.12 -18.09
C ALA A 169 -1.73 10.36 -17.82
N ARG A 170 -2.71 10.27 -16.92
CA ARG A 170 -3.57 11.41 -16.65
C ARG A 170 -2.88 12.52 -15.86
N TYR A 171 -1.67 12.26 -15.33
CA TYR A 171 -0.92 13.29 -14.62
C TYR A 171 0.00 14.09 -15.54
N ARG A 172 0.14 13.69 -16.81
CA ARG A 172 1.07 14.36 -17.71
C ARG A 172 0.60 15.75 -18.10
N ALA A 173 -0.67 16.08 -17.85
CA ALA A 173 -1.15 17.44 -18.08
C ALA A 173 -0.51 18.43 -17.13
N PHE A 174 0.04 17.97 -16.02
CA PHE A 174 0.64 18.83 -15.01
C PHE A 174 2.16 18.92 -15.19
N ASP A 175 2.73 20.00 -14.67
CA ASP A 175 4.17 20.17 -14.68
C ASP A 175 4.84 18.98 -13.99
N SER A 176 5.68 18.26 -14.73
CA SER A 176 6.23 16.99 -14.28
C SER A 176 7.72 17.05 -14.00
N ARG A 177 8.31 18.25 -13.99
CA ARG A 177 9.72 18.40 -13.65
C ARG A 177 9.83 18.61 -12.15
N GLU A 178 10.54 17.70 -11.47
CA GLU A 178 10.50 17.61 -10.02
C GLU A 178 11.76 18.12 -9.33
N PHE A 179 12.87 18.27 -10.05
CA PHE A 179 14.11 18.68 -9.42
C PHE A 179 14.98 19.41 -10.43
N ASN A 180 16.00 20.10 -9.93
CA ASN A 180 17.06 20.68 -10.73
C ASN A 180 18.36 19.99 -10.39
N VAL A 181 19.13 19.62 -11.42
CA VAL A 181 20.44 19.03 -11.22
C VAL A 181 21.40 20.16 -10.84
N THR A 182 21.87 20.15 -9.60
CA THR A 182 22.70 21.23 -9.11
C THR A 182 24.19 21.02 -9.35
N GLU A 183 24.63 19.77 -9.55
CA GLU A 183 26.05 19.50 -9.71
C GLU A 183 26.24 18.06 -10.17
N ILE A 184 27.27 17.85 -11.00
CA ILE A 184 27.77 16.52 -11.33
C ILE A 184 29.27 16.54 -11.07
N ALA A 185 29.74 15.67 -10.18
CA ALA A 185 31.14 15.67 -9.75
C ALA A 185 31.62 14.23 -9.65
N GLY A 186 32.33 13.77 -10.67
CA GLY A 186 32.87 12.41 -10.65
C GLY A 186 31.78 11.36 -10.64
N ASP A 187 31.71 10.60 -9.55
CA ASP A 187 30.73 9.53 -9.43
C ASP A 187 29.35 10.01 -9.00
N ILE A 188 29.19 11.31 -8.72
CA ILE A 188 28.04 11.79 -7.96
C ILE A 188 27.27 12.82 -8.78
N LEU A 189 25.96 12.63 -8.86
CA LEU A 189 25.02 13.63 -9.34
C LEU A 189 24.18 14.11 -8.16
N THR A 190 23.99 15.42 -8.06
CA THR A 190 23.21 16.01 -6.98
C THR A 190 22.06 16.82 -7.57
N ALA A 191 20.87 16.64 -7.02
CA ALA A 191 19.69 17.38 -7.43
C ALA A 191 18.99 17.94 -6.20
N LYS A 192 18.14 18.93 -6.43
CA LYS A 192 17.39 19.59 -5.36
C LYS A 192 15.96 19.79 -5.83
N THR A 193 15.01 19.20 -5.10
CA THR A 193 13.60 19.33 -5.45
C THR A 193 13.20 20.79 -5.56
N ARG A 194 12.30 21.08 -6.50
CA ARG A 194 12.06 22.46 -6.90
C ARG A 194 11.36 23.28 -5.81
N SER A 195 10.58 22.62 -4.95
CA SER A 195 9.77 23.35 -3.98
C SER A 195 9.87 22.85 -2.54
N THR A 196 10.45 21.68 -2.30
CA THR A 196 10.48 21.10 -0.95
C THR A 196 11.86 21.13 -0.31
N ASP A 197 12.87 21.66 -1.00
CA ASP A 197 14.19 21.91 -0.42
C ASP A 197 14.90 20.62 -0.02
N ILE A 198 14.65 19.52 -0.74
CA ILE A 198 15.32 18.25 -0.47
C ILE A 198 16.50 18.10 -1.42
N ASP A 199 17.68 17.84 -0.86
CA ASP A 199 18.86 17.52 -1.66
C ASP A 199 18.86 16.02 -1.95
N ILE A 200 18.92 15.68 -3.24
CA ILE A 200 18.94 14.29 -3.69
C ILE A 200 20.32 14.02 -4.27
N VAL A 201 21.00 13.03 -3.72
CA VAL A 201 22.36 12.67 -4.12
C VAL A 201 22.35 11.24 -4.65
N VAL A 202 22.74 11.09 -5.92
CA VAL A 202 22.80 9.78 -6.57
C VAL A 202 24.24 9.58 -7.02
N GLY A 203 24.88 8.53 -6.52
CA GLY A 203 26.25 8.24 -6.86
C GLY A 203 26.41 6.81 -7.32
N ALA A 204 27.38 6.60 -8.21
CA ALA A 204 27.55 5.29 -8.82
C ALA A 204 29.00 5.08 -9.23
N GLU A 205 29.44 3.82 -9.15
CA GLU A 205 30.74 3.39 -9.64
C GLU A 205 30.57 2.11 -10.45
N THR A 206 31.20 2.06 -11.62
CA THR A 206 31.09 0.93 -12.53
C THR A 206 32.45 0.27 -12.68
N THR A 207 32.50 -1.04 -12.40
CA THR A 207 33.75 -1.81 -12.45
C THR A 207 33.55 -3.10 -13.22
N SER A 208 34.66 -3.78 -13.48
CA SER A 208 34.67 -5.07 -14.17
C SER A 208 36.05 -5.69 -14.00
N ASP A 209 36.14 -6.97 -14.34
CA ASP A 209 37.42 -7.67 -14.29
C ASP A 209 38.34 -7.23 -15.42
N VAL A 210 37.78 -7.01 -16.61
CA VAL A 210 38.58 -6.94 -17.83
C VAL A 210 38.40 -5.60 -18.53
N MET A 211 38.08 -4.55 -17.78
CA MET A 211 38.01 -3.21 -18.35
C MET A 211 37.97 -2.20 -17.23
N THR A 212 38.37 -0.97 -17.55
CA THR A 212 38.34 0.15 -16.63
C THR A 212 37.33 1.18 -17.11
N PHE A 213 36.53 1.69 -16.19
CA PHE A 213 35.57 2.74 -16.48
C PHE A 213 36.10 4.06 -15.95
N GLN A 214 35.88 5.13 -16.73
CA GLN A 214 36.33 6.46 -16.38
C GLN A 214 35.17 7.42 -16.50
N ASN A 215 34.99 8.27 -15.49
CA ASN A 215 34.01 9.34 -15.56
C ASN A 215 34.40 10.32 -16.67
N VAL A 216 33.47 10.55 -17.60
CA VAL A 216 33.69 11.50 -18.69
C VAL A 216 32.60 12.55 -18.67
N GLU A 217 32.90 13.68 -19.31
CA GLU A 217 31.90 14.74 -19.45
C GLU A 217 30.80 14.28 -20.39
N GLY A 218 29.55 14.45 -19.97
CA GLY A 218 28.42 13.93 -20.72
C GLY A 218 27.38 14.98 -21.04
N PRO A 219 26.26 14.54 -21.63
CA PRO A 219 25.18 15.47 -21.94
C PRO A 219 24.65 16.15 -20.68
N ALA A 220 23.95 17.27 -20.89
CA ALA A 220 23.44 18.06 -19.77
C ALA A 220 22.62 17.19 -18.82
N ASP A 221 22.91 17.33 -17.53
CA ASP A 221 22.18 16.68 -16.46
C ASP A 221 22.30 15.16 -16.49
N MET A 222 23.36 14.64 -17.09
CA MET A 222 23.67 13.22 -17.06
C MET A 222 25.09 13.01 -16.57
N GLN A 223 25.25 12.11 -15.61
CA GLN A 223 26.56 11.64 -15.20
C GLN A 223 26.92 10.39 -16.00
N VAL A 224 28.13 10.35 -16.55
CA VAL A 224 28.51 9.32 -17.51
C VAL A 224 29.86 8.72 -17.13
N SER A 225 29.91 7.40 -17.08
CA SER A 225 31.15 6.64 -17.00
C SER A 225 31.24 5.75 -18.23
N THR A 226 32.46 5.59 -18.75
CA THR A 226 32.65 4.90 -20.03
C THR A 226 33.78 3.89 -19.93
N GLY A 227 33.55 2.71 -20.47
CA GLY A 227 34.57 1.68 -20.53
C GLY A 227 34.60 1.02 -21.90
N GLU A 228 35.79 0.56 -22.28
CA GLU A 228 36.00 -0.03 -23.60
C GLU A 228 36.67 -1.39 -23.45
N VAL A 229 36.21 -2.36 -24.25
CA VAL A 229 36.73 -3.71 -24.21
C VAL A 229 36.52 -4.34 -25.58
N THR A 230 37.39 -5.30 -25.91
CA THR A 230 37.32 -6.03 -27.18
C THR A 230 36.58 -7.35 -26.92
N LEU A 231 35.36 -7.44 -27.44
CA LEU A 231 34.57 -8.65 -27.27
C LEU A 231 35.17 -9.81 -28.07
N GLN A 232 35.48 -10.89 -27.38
CA GLN A 232 35.87 -12.13 -28.06
C GLN A 232 34.62 -12.98 -28.28
N THR A 233 34.71 -13.88 -29.27
CA THR A 233 33.56 -14.67 -29.68
C THR A 233 33.05 -15.55 -28.54
N ASN A 234 31.76 -15.42 -28.23
CA ASN A 234 31.12 -16.21 -27.17
C ASN A 234 31.87 -16.08 -25.86
N GLN A 235 32.35 -14.87 -25.58
CA GLN A 235 33.08 -14.57 -24.35
C GLN A 235 32.29 -13.53 -23.57
N THR A 236 31.86 -13.91 -22.37
CA THR A 236 31.02 -13.05 -21.55
C THR A 236 31.84 -11.97 -20.86
N VAL A 237 31.32 -10.75 -20.88
CA VAL A 237 31.90 -9.61 -20.18
C VAL A 237 30.95 -9.23 -19.04
N GLN A 238 31.47 -9.18 -17.82
CA GLN A 238 30.68 -8.95 -16.63
C GLN A 238 31.00 -7.58 -16.04
N ILE A 239 29.96 -6.80 -15.76
CA ILE A 239 30.08 -5.42 -15.30
C ILE A 239 29.28 -5.25 -14.03
N ASP A 240 29.86 -4.55 -13.05
CA ASP A 240 29.20 -4.26 -11.79
C ASP A 240 29.03 -2.75 -11.64
N LYS A 241 27.82 -2.33 -11.26
CA LYS A 241 27.56 -0.93 -10.95
C LYS A 241 27.01 -0.84 -9.54
N LEU A 242 27.75 -0.18 -8.66
CA LEU A 242 27.31 0.09 -7.30
C LEU A 242 26.67 1.47 -7.23
N ILE A 243 25.46 1.54 -6.71
CA ILE A 243 24.70 2.78 -6.61
C ILE A 243 24.41 3.07 -5.14
N ALA A 244 24.58 4.34 -4.75
CA ALA A 244 24.28 4.78 -3.40
C ALA A 244 23.28 5.94 -3.47
N ILE A 245 22.15 5.79 -2.78
CA ILE A 245 21.09 6.79 -2.77
C ILE A 245 21.06 7.44 -1.40
N GLY A 246 20.99 8.77 -1.37
CA GLY A 246 20.85 9.51 -0.14
C GLY A 246 20.19 10.85 -0.35
N THR A 247 19.31 11.25 0.56
CA THR A 247 18.65 12.55 0.49
C THR A 247 18.79 13.27 1.82
N SER A 248 18.63 14.60 1.76
CA SER A 248 18.69 15.43 2.96
C SER A 248 17.43 15.30 3.82
N TYR A 249 16.43 14.55 3.37
CA TYR A 249 15.23 14.34 4.19
C TYR A 249 15.54 13.42 5.37
N GLU A 250 16.40 12.42 5.16
CA GLU A 250 16.76 11.47 6.19
C GLU A 250 18.22 11.54 6.60
N LEU A 251 19.05 12.29 5.88
CA LEU A 251 20.47 12.42 6.20
C LEU A 251 20.82 13.88 6.37
N SER A 252 21.65 14.18 7.38
CA SER A 252 22.06 15.56 7.61
C SER A 252 23.03 16.04 6.54
N GLU A 253 23.92 15.16 6.07
CA GLU A 253 24.93 15.50 5.06
C GLU A 253 24.93 14.39 4.01
N PRO A 254 24.01 14.46 3.04
CA PRO A 254 23.85 13.33 2.11
C PRO A 254 24.98 13.17 1.11
N LEU A 255 25.68 14.23 0.73
CA LEU A 255 26.75 14.10 -0.26
C LEU A 255 27.89 13.25 0.30
N VAL A 256 28.41 13.62 1.47
CA VAL A 256 29.53 12.88 2.03
C VAL A 256 29.13 11.47 2.42
N PHE A 257 27.85 11.25 2.73
CA PHE A 257 27.38 9.89 3.01
C PHE A 257 27.51 9.01 1.78
N VAL A 258 27.07 9.52 0.62
CA VAL A 258 27.15 8.74 -0.61
C VAL A 258 28.60 8.45 -0.97
N GLN A 259 29.48 9.44 -0.77
CA GLN A 259 30.89 9.26 -1.08
C GLN A 259 31.49 8.09 -0.31
N ALA A 260 31.27 8.07 1.00
CA ALA A 260 31.81 6.99 1.83
C ALA A 260 31.12 5.66 1.55
N ALA A 261 29.87 5.71 1.10
CA ALA A 261 29.14 4.46 0.83
C ALA A 261 29.68 3.78 -0.42
N LEU A 262 29.96 4.54 -1.48
CA LEU A 262 30.50 3.95 -2.70
C LEU A 262 31.86 3.31 -2.44
N ALA A 263 32.65 3.89 -1.55
CA ALA A 263 33.99 3.40 -1.26
C ALA A 263 34.00 2.28 -0.23
N THR A 264 32.85 1.90 0.31
CA THR A 264 32.79 0.91 1.38
C THR A 264 31.67 -0.10 1.11
N HIS A 265 31.57 -0.58 -0.13
CA HIS A 265 30.57 -1.58 -0.48
C HIS A 265 30.88 -2.12 -1.86
N SER A 266 30.08 -3.09 -2.29
CA SER A 266 30.26 -3.73 -3.58
C SER A 266 28.91 -4.33 -4.00
N VAL A 267 28.82 -4.65 -5.30
CA VAL A 267 27.62 -5.30 -5.81
C VAL A 267 27.44 -6.67 -5.17
N ASP A 268 28.53 -7.40 -4.98
CA ASP A 268 28.46 -8.72 -4.37
C ASP A 268 27.93 -8.66 -2.95
N LYS A 269 28.44 -7.71 -2.16
CA LYS A 269 27.89 -7.51 -0.82
C LYS A 269 26.38 -7.31 -0.87
N VAL A 270 25.90 -6.46 -1.80
CA VAL A 270 24.47 -6.18 -1.86
C VAL A 270 23.72 -7.48 -2.18
N ILE A 271 24.25 -8.24 -3.14
CA ILE A 271 23.57 -9.45 -3.57
C ILE A 271 23.49 -10.44 -2.41
N GLU A 272 24.61 -10.66 -1.72
CA GLU A 272 24.60 -11.57 -0.59
C GLU A 272 23.77 -11.03 0.56
N SER A 273 23.77 -9.71 0.75
CA SER A 273 22.93 -9.13 1.81
C SER A 273 21.46 -9.38 1.54
N SER A 274 21.00 -9.09 0.32
CA SER A 274 19.62 -9.40 -0.05
C SER A 274 19.36 -10.90 0.06
N THR A 275 20.33 -11.71 -0.35
CA THR A 275 20.18 -13.16 -0.28
C THR A 275 19.95 -13.62 1.16
N ALA A 276 20.88 -13.27 2.06
CA ALA A 276 20.76 -13.70 3.45
C ALA A 276 19.52 -13.15 4.11
N TYR A 277 19.09 -11.93 3.74
CA TYR A 277 17.95 -11.29 4.38
C TYR A 277 16.66 -12.08 4.12
N TRP A 278 16.39 -12.39 2.85
CA TRP A 278 15.14 -13.06 2.51
C TRP A 278 15.12 -14.51 3.01
N GLN A 279 16.26 -15.21 2.90
CA GLN A 279 16.35 -16.56 3.45
C GLN A 279 15.96 -16.57 4.92
N GLU A 280 16.41 -15.57 5.67
CA GLU A 280 16.04 -15.48 7.08
C GLU A 280 14.58 -15.09 7.24
N VAL A 281 14.07 -14.21 6.36
CA VAL A 281 12.69 -13.77 6.46
C VAL A 281 11.74 -14.94 6.27
N TRP A 282 12.01 -15.79 5.28
CA TRP A 282 11.10 -16.86 4.92
C TRP A 282 11.01 -17.96 5.98
N GLU A 283 11.88 -17.95 6.99
CA GLU A 283 11.79 -18.96 8.04
C GLU A 283 10.48 -18.84 8.82
N THR A 284 9.96 -17.62 8.95
CA THR A 284 8.71 -17.38 9.67
C THR A 284 7.63 -16.73 8.82
N ALA A 285 8.00 -16.00 7.77
CA ALA A 285 7.02 -15.20 7.03
C ALA A 285 6.26 -15.99 5.98
N ASP A 286 6.74 -17.18 5.61
CA ASP A 286 6.07 -17.95 4.58
C ASP A 286 4.67 -18.36 5.01
N ILE A 287 3.78 -18.48 4.04
CA ILE A 287 2.41 -18.97 4.24
C ILE A 287 2.21 -20.07 3.22
N GLN A 288 2.28 -21.32 3.68
CA GLN A 288 2.27 -22.46 2.79
C GLN A 288 0.84 -22.97 2.61
N LEU A 289 0.36 -22.95 1.37
CA LEU A 289 -0.97 -23.45 1.04
C LEU A 289 -0.85 -24.43 -0.13
N ASP A 290 -1.09 -25.70 0.16
CA ASP A 290 -1.20 -26.72 -0.88
C ASP A 290 -2.67 -26.89 -1.22
N SER A 291 -3.05 -26.53 -2.44
CA SER A 291 -4.45 -26.53 -2.85
C SER A 291 -4.55 -26.92 -4.32
N ASP A 292 -5.77 -26.92 -4.83
CA ASP A 292 -6.04 -27.26 -6.22
C ASP A 292 -5.84 -26.07 -7.16
N ASP A 293 -5.30 -24.97 -6.66
CA ASP A 293 -4.97 -23.82 -7.47
C ASP A 293 -3.46 -23.79 -7.68
N PRO A 294 -2.96 -24.09 -8.88
CA PRO A 294 -1.51 -24.20 -9.06
C PRO A 294 -0.77 -22.88 -8.94
N ASP A 295 -1.44 -21.76 -9.22
CA ASP A 295 -0.80 -20.45 -9.15
C ASP A 295 -0.97 -19.77 -7.80
N MET A 296 -1.75 -20.36 -6.89
CA MET A 296 -2.13 -19.66 -5.68
C MET A 296 -0.94 -19.48 -4.74
N GLN A 297 -0.10 -20.52 -4.61
CA GLN A 297 1.03 -20.45 -3.70
C GLN A 297 2.01 -19.35 -4.09
N LEU A 298 2.16 -19.09 -5.39
CA LEU A 298 3.09 -18.05 -5.82
C LEU A 298 2.59 -16.66 -5.47
N MET A 299 1.29 -16.41 -5.64
CA MET A 299 0.77 -15.07 -5.39
C MET A 299 0.70 -14.75 -3.90
N ILE A 300 0.57 -15.77 -3.05
CA ILE A 300 0.62 -15.55 -1.61
C ILE A 300 1.99 -15.00 -1.23
N ARG A 301 3.06 -15.59 -1.78
CA ARG A 301 4.40 -15.09 -1.49
C ARG A 301 4.67 -13.77 -2.19
N MET A 302 4.11 -13.58 -3.39
CA MET A 302 4.22 -12.28 -4.05
C MET A 302 3.62 -11.19 -3.18
N ASN A 303 2.51 -11.48 -2.50
CA ASN A 303 1.93 -10.53 -1.56
C ASN A 303 2.89 -10.25 -0.42
N ILE A 304 3.43 -11.31 0.20
CA ILE A 304 4.34 -11.15 1.33
C ILE A 304 5.58 -10.37 0.91
N PHE A 305 6.09 -10.67 -0.29
CA PHE A 305 7.28 -10.00 -0.81
C PHE A 305 7.08 -8.49 -0.90
N HIS A 306 6.04 -8.06 -1.63
CA HIS A 306 5.88 -6.64 -1.92
C HIS A 306 5.48 -5.84 -0.68
N ILE A 307 4.80 -6.48 0.28
CA ILE A 307 4.45 -5.78 1.51
C ILE A 307 5.70 -5.53 2.36
N ARG A 308 6.65 -6.46 2.34
CA ARG A 308 7.88 -6.29 3.11
C ARG A 308 8.89 -5.40 2.40
N GLN A 309 8.83 -5.32 1.07
CA GLN A 309 9.64 -4.34 0.35
C GLN A 309 9.15 -2.92 0.62
N ALA A 310 7.85 -2.75 0.85
CA ALA A 310 7.29 -1.43 1.06
C ALA A 310 7.72 -0.84 2.39
N ALA A 311 8.01 -1.68 3.38
CA ALA A 311 8.45 -1.20 4.69
C ALA A 311 9.09 -2.35 5.45
N GLN A 312 10.27 -2.10 6.01
CA GLN A 312 10.99 -3.09 6.81
C GLN A 312 11.79 -2.35 7.87
N HIS A 313 11.76 -2.86 9.10
CA HIS A 313 12.19 -2.08 10.25
C HIS A 313 13.65 -1.64 10.16
N GLU A 314 14.50 -2.44 9.51
CA GLU A 314 15.92 -2.11 9.48
C GLU A 314 16.17 -0.79 8.76
N ALA A 315 15.33 -0.44 7.79
CA ALA A 315 15.40 0.85 7.12
C ALA A 315 14.42 1.86 7.71
N ASN A 316 13.16 1.45 7.91
CA ASN A 316 12.11 2.39 8.29
C ASN A 316 12.26 2.94 9.70
N LYS A 317 13.09 2.31 10.54
CA LYS A 317 13.36 2.88 11.87
C LYS A 317 14.03 4.24 11.77
N ASP A 318 14.73 4.51 10.66
CA ASP A 318 15.40 5.79 10.44
C ASP A 318 14.58 6.75 9.61
N LEU A 319 13.35 6.39 9.24
CA LEU A 319 12.59 7.14 8.26
C LEU A 319 11.28 7.65 8.85
N ASP A 320 10.81 8.76 8.29
CA ASP A 320 9.53 9.38 8.63
C ASP A 320 8.60 9.14 7.44
N ALA A 321 8.03 7.93 7.39
CA ALA A 321 7.25 7.55 6.22
C ALA A 321 6.32 6.40 6.58
N SER A 322 5.32 6.18 5.72
CA SER A 322 4.38 5.08 5.83
C SER A 322 4.18 4.48 4.45
N VAL A 323 3.28 3.50 4.35
CA VAL A 323 3.09 2.73 3.13
C VAL A 323 2.01 3.39 2.29
N GLY A 324 2.39 3.84 1.09
CA GLY A 324 1.41 4.39 0.16
C GLY A 324 0.53 3.32 -0.44
N SER A 325 -0.49 3.79 -1.16
CA SER A 325 -1.44 2.87 -1.79
C SER A 325 -0.74 1.94 -2.78
N ARG A 326 0.34 2.40 -3.40
CA ARG A 326 1.14 1.57 -4.29
C ARG A 326 2.51 1.25 -3.70
N GLY A 327 2.70 1.46 -2.41
CA GLY A 327 4.00 1.29 -1.82
C GLY A 327 4.98 2.26 -2.44
N LEU A 328 6.06 1.72 -3.01
CA LEU A 328 7.08 2.51 -3.69
C LEU A 328 7.31 1.97 -5.09
N THR A 329 6.24 1.50 -5.74
CA THR A 329 6.36 0.84 -7.03
C THR A 329 5.92 1.70 -8.21
N GLY A 330 5.29 2.83 -7.96
CA GLY A 330 4.81 3.65 -9.06
C GLY A 330 4.25 4.96 -8.52
N GLU A 331 3.74 5.76 -9.45
CA GLU A 331 3.29 7.11 -9.15
C GLU A 331 1.78 7.24 -9.11
N GLY A 332 1.05 6.12 -9.12
CA GLY A 332 -0.39 6.16 -8.93
C GLY A 332 -0.76 6.82 -7.62
N TYR A 333 -1.59 7.87 -7.70
CA TYR A 333 -1.96 8.69 -6.56
C TYR A 333 -0.75 9.37 -5.90
N ARG A 334 0.33 9.52 -6.66
CA ARG A 334 1.46 10.39 -6.29
C ARG A 334 2.13 9.96 -4.98
N GLY A 335 2.04 8.69 -4.64
CA GLY A 335 2.68 8.18 -3.44
C GLY A 335 2.08 8.66 -2.14
N HIS A 336 0.89 9.28 -2.17
CA HIS A 336 0.26 9.73 -0.95
C HIS A 336 -0.12 8.55 -0.06
N ILE A 337 -0.25 8.82 1.23
CA ILE A 337 -0.66 7.82 2.20
C ILE A 337 -2.18 7.91 2.37
N PHE A 338 -2.85 6.77 2.24
CA PHE A 338 -4.29 6.67 2.36
C PHE A 338 -4.66 5.91 3.64
N TRP A 339 -5.96 5.74 3.85
CA TRP A 339 -6.45 4.80 4.84
C TRP A 339 -6.15 3.35 4.46
N ASP A 340 -5.56 3.13 3.28
CA ASP A 340 -5.07 1.82 2.87
C ASP A 340 -4.17 1.18 3.91
N GLU A 341 -3.56 1.99 4.79
CA GLU A 341 -2.74 1.47 5.87
C GLU A 341 -3.44 0.36 6.64
N ILE A 342 -4.76 0.46 6.79
CA ILE A 342 -5.54 -0.53 7.52
C ILE A 342 -5.35 -1.93 6.95
N PHE A 343 -4.89 -2.04 5.69
CA PHE A 343 -4.72 -3.33 5.05
C PHE A 343 -3.33 -3.95 5.26
N VAL A 344 -2.38 -3.21 5.82
CA VAL A 344 -1.03 -3.73 6.01
C VAL A 344 -0.63 -3.66 7.47
N VAL A 345 -1.13 -2.66 8.21
CA VAL A 345 -0.74 -2.49 9.62
C VAL A 345 -1.01 -3.74 10.45
N PRO A 346 -2.20 -4.35 10.40
CA PRO A 346 -2.39 -5.59 11.17
C PRO A 346 -1.46 -6.71 10.73
N TYR A 347 -1.07 -6.77 9.46
CA TYR A 347 -0.11 -7.79 9.04
C TYR A 347 1.25 -7.51 9.67
N TYR A 348 1.74 -6.27 9.57
CA TYR A 348 3.01 -5.92 10.20
C TYR A 348 2.97 -6.19 11.69
N ALA A 349 1.85 -5.86 12.34
CA ALA A 349 1.77 -6.06 13.78
C ALA A 349 1.83 -7.54 14.17
N ALA A 350 1.36 -8.44 13.29
CA ALA A 350 1.27 -9.85 13.63
C ALA A 350 2.51 -10.66 13.25
N ASN A 351 3.37 -10.13 12.39
CA ASN A 351 4.51 -10.88 11.89
C ASN A 351 5.82 -10.11 11.90
N ASP A 352 5.81 -8.79 12.08
CA ASP A 352 7.00 -7.97 12.04
C ASP A 352 6.71 -6.67 12.78
N PRO A 353 6.49 -6.74 14.11
CA PRO A 353 5.83 -5.63 14.82
C PRO A 353 6.59 -4.32 14.77
N GLU A 354 7.93 -4.35 14.75
CA GLU A 354 8.69 -3.10 14.79
C GLU A 354 8.41 -2.23 13.57
N THR A 355 8.25 -2.85 12.39
CA THR A 355 7.93 -2.09 11.20
C THR A 355 6.56 -1.42 11.33
N ALA A 356 5.60 -2.11 11.94
CA ALA A 356 4.30 -1.49 12.20
C ALA A 356 4.45 -0.24 13.05
N ARG A 357 5.28 -0.33 14.08
CA ARG A 357 5.51 0.84 14.94
C ARG A 357 6.16 1.98 14.16
N ASP A 358 7.06 1.65 13.24
CA ASP A 358 7.74 2.67 12.45
C ASP A 358 6.75 3.51 11.65
N ILE A 359 5.82 2.85 10.95
CA ILE A 359 4.92 3.57 10.07
C ILE A 359 3.76 4.21 10.82
N LEU A 360 3.45 3.75 12.02
CA LEU A 360 2.50 4.47 12.86
C LEU A 360 3.10 5.75 13.43
N ARG A 361 4.43 5.84 13.49
CA ARG A 361 5.07 7.10 13.86
C ARG A 361 4.74 8.19 12.86
N TYR A 362 4.65 7.84 11.57
CA TYR A 362 4.33 8.82 10.54
C TYR A 362 3.05 9.58 10.86
N ARG A 363 2.01 8.85 11.30
CA ARG A 363 0.76 9.51 11.64
C ARG A 363 0.88 10.28 12.96
N ILE A 364 1.57 9.71 13.94
CA ILE A 364 1.72 10.36 15.24
C ILE A 364 2.49 11.66 15.09
N LYS A 365 3.54 11.65 14.27
CA LYS A 365 4.30 12.87 14.01
C LYS A 365 3.44 13.97 13.39
N ARG A 366 2.32 13.61 12.76
CA ARG A 366 1.53 14.56 11.99
C ARG A 366 0.18 14.86 12.65
N ILE A 367 0.11 14.70 13.97
CA ILE A 367 -1.06 15.14 14.71
C ILE A 367 -1.24 16.65 14.57
N ASP A 368 -0.14 17.40 14.68
CA ASP A 368 -0.20 18.85 14.61
C ASP A 368 -0.83 19.31 13.30
N ALA A 369 -0.36 18.76 12.17
CA ALA A 369 -0.93 19.11 10.88
C ALA A 369 -2.42 18.76 10.85
N ALA A 370 -2.78 17.58 11.35
CA ALA A 370 -4.20 17.20 11.42
C ALA A 370 -5.00 18.19 12.24
N LYS A 371 -4.41 18.68 13.34
CA LYS A 371 -5.06 19.74 14.11
C LYS A 371 -5.17 21.02 13.30
N LYS A 372 -4.13 21.36 12.55
CA LYS A 372 -4.20 22.50 11.64
C LYS A 372 -5.22 22.27 10.52
N ASN A 373 -5.35 21.02 10.07
CA ASN A 373 -6.34 20.71 9.04
C ASN A 373 -7.76 20.84 9.57
N ALA A 374 -7.98 20.50 10.83
CA ALA A 374 -9.31 20.65 11.42
C ALA A 374 -9.72 22.11 11.48
N ILE A 375 -8.80 22.99 11.86
CA ILE A 375 -9.11 24.42 11.93
C ILE A 375 -9.42 24.97 10.54
N LEU A 376 -8.67 24.51 9.53
CA LEU A 376 -8.84 25.02 8.17
C LEU A 376 -10.25 24.77 7.64
N ASP A 377 -10.88 23.67 8.06
CA ASP A 377 -12.24 23.35 7.65
C ASP A 377 -13.27 23.68 8.72
N GLY A 378 -12.88 24.50 9.71
CA GLY A 378 -13.82 24.89 10.75
C GLY A 378 -14.18 23.78 11.71
N GLU A 379 -13.26 22.87 11.99
CA GLU A 379 -13.47 21.77 12.91
C GLU A 379 -12.54 21.90 14.11
N ALA A 380 -12.63 20.95 15.02
CA ALA A 380 -11.82 20.93 16.23
C ALA A 380 -10.95 19.67 16.26
N GLY A 381 -10.10 19.58 17.27
CA GLY A 381 -9.26 18.41 17.48
C GLY A 381 -8.34 18.14 16.30
N ALA A 382 -8.03 16.86 16.09
CA ALA A 382 -7.17 16.42 15.01
C ALA A 382 -8.03 15.73 13.96
N MET A 383 -8.11 16.31 12.77
CA MET A 383 -8.87 15.76 11.65
C MET A 383 -7.86 15.41 10.55
N PHE A 384 -7.56 14.12 10.43
CA PHE A 384 -6.51 13.67 9.54
C PHE A 384 -6.96 13.72 8.08
N PRO A 385 -6.05 14.04 7.16
CA PRO A 385 -6.45 14.23 5.77
C PRO A 385 -6.77 12.92 5.08
N TRP A 386 -7.55 13.03 3.99
CA TRP A 386 -7.81 11.86 3.17
C TRP A 386 -6.55 11.42 2.44
N GLN A 387 -5.73 12.38 2.00
CA GLN A 387 -4.46 12.09 1.36
C GLN A 387 -3.37 12.87 2.09
N SER A 388 -2.47 12.14 2.75
CA SER A 388 -1.37 12.73 3.49
C SER A 388 -0.06 12.50 2.75
N GLY A 389 0.86 13.46 2.88
CA GLY A 389 2.16 13.35 2.26
C GLY A 389 3.29 13.83 3.15
N MET A 390 4.03 14.84 2.68
CA MET A 390 5.18 15.32 3.42
C MET A 390 4.79 15.92 4.77
N TYR A 391 3.87 16.88 4.76
CA TYR A 391 3.58 17.68 5.94
C TYR A 391 2.35 17.24 6.71
N GLY A 392 1.49 16.42 6.10
CA GLY A 392 0.27 16.01 6.76
C GLY A 392 -0.90 16.95 6.56
N ASP A 393 -0.74 17.99 5.75
CA ASP A 393 -1.89 18.75 5.31
C ASP A 393 -2.66 17.95 4.26
N GLU A 394 -3.90 18.36 4.01
CA GLU A 394 -4.73 17.64 3.07
C GLU A 394 -4.16 17.76 1.66
N GLN A 395 -3.83 16.63 1.04
CA GLN A 395 -3.26 16.61 -0.30
C GLN A 395 -4.23 16.09 -1.35
N SER A 396 -5.47 15.78 -0.98
CA SER A 396 -6.52 15.67 -1.98
C SER A 396 -6.90 17.07 -2.44
N GLN A 397 -7.41 17.16 -3.66
CA GLN A 397 -7.82 18.45 -4.20
C GLN A 397 -9.14 18.88 -3.59
N PHE A 398 -9.23 20.17 -3.27
CA PHE A 398 -10.48 20.73 -2.77
C PHE A 398 -11.43 21.11 -3.89
N ILE A 399 -10.92 21.24 -5.12
CA ILE A 399 -11.65 21.85 -6.22
C ILE A 399 -11.27 21.10 -7.49
N HIS A 400 -12.26 20.88 -8.37
CA HIS A 400 -12.06 20.13 -9.59
C HIS A 400 -12.70 20.87 -10.75
N LEU A 401 -12.12 20.71 -11.94
CA LEU A 401 -12.62 21.38 -13.14
C LEU A 401 -13.68 20.52 -13.81
N ASN A 402 -14.88 21.06 -13.93
CA ASN A 402 -15.91 20.43 -14.75
C ASN A 402 -15.43 20.29 -16.18
N THR A 403 -15.64 19.13 -16.78
CA THR A 403 -15.15 18.88 -18.13
C THR A 403 -16.18 19.21 -19.20
N VAL A 404 -17.47 19.19 -18.87
CA VAL A 404 -18.51 19.52 -19.83
C VAL A 404 -18.53 21.03 -20.03
N ASN A 405 -18.94 21.77 -19.02
CA ASN A 405 -18.68 23.20 -19.01
C ASN A 405 -17.35 23.47 -18.33
N ASN A 406 -16.66 24.51 -18.78
CA ASN A 406 -15.31 24.78 -18.29
C ASN A 406 -15.40 25.75 -17.11
N GLU A 407 -15.79 25.19 -15.96
CA GLU A 407 -15.90 25.96 -14.73
C GLU A 407 -15.49 25.07 -13.55
N TRP A 408 -14.93 25.71 -12.52
CA TRP A 408 -14.47 24.97 -11.36
C TRP A 408 -15.64 24.56 -10.47
N GLU A 409 -15.50 23.39 -9.85
CA GLU A 409 -16.51 22.84 -8.96
C GLU A 409 -15.86 22.33 -7.68
N PRO A 410 -16.60 22.33 -6.57
CA PRO A 410 -16.08 21.72 -5.34
C PRO A 410 -15.70 20.27 -5.56
N ASP A 411 -14.63 19.85 -4.88
CA ASP A 411 -14.21 18.45 -4.84
C ASP A 411 -14.44 17.92 -3.43
N ASN A 412 -15.21 16.83 -3.32
CA ASN A 412 -15.63 16.29 -2.04
C ASN A 412 -14.74 15.17 -1.53
N SER A 413 -13.60 14.92 -2.19
CA SER A 413 -12.81 13.72 -1.89
C SER A 413 -12.34 13.67 -0.45
N ARG A 414 -12.12 14.83 0.17
CA ARG A 414 -11.58 14.86 1.52
C ARG A 414 -12.62 14.54 2.59
N LEU A 415 -13.90 14.49 2.25
CA LEU A 415 -14.95 14.35 3.25
C LEU A 415 -15.09 12.92 3.79
N GLN A 416 -14.21 12.00 3.38
CA GLN A 416 -14.17 10.66 3.95
C GLN A 416 -13.44 10.69 5.29
N ARG A 417 -14.03 11.42 6.24
CA ARG A 417 -13.39 11.70 7.52
C ARG A 417 -13.02 10.43 8.29
N HIS A 418 -13.65 9.29 7.98
CA HIS A 418 -13.39 8.04 8.71
C HIS A 418 -11.93 7.63 8.68
N VAL A 419 -11.10 8.23 7.81
CA VAL A 419 -9.68 7.93 7.79
C VAL A 419 -9.04 8.18 9.16
N SER A 420 -9.59 9.13 9.93
CA SER A 420 -9.11 9.33 11.28
C SER A 420 -9.32 8.09 12.13
N LEU A 421 -10.46 7.40 11.94
CA LEU A 421 -10.75 6.20 12.72
C LEU A 421 -9.89 5.02 12.32
N THR A 422 -9.40 4.98 11.09
CA THR A 422 -8.47 3.91 10.70
C THR A 422 -7.13 4.06 11.43
N ILE A 423 -6.61 5.29 11.49
CA ILE A 423 -5.37 5.53 12.23
C ILE A 423 -5.53 5.12 13.68
N ALA A 424 -6.63 5.53 14.31
CA ALA A 424 -6.89 5.11 15.69
C ALA A 424 -7.06 3.60 15.77
N TYR A 425 -7.73 3.00 14.79
CA TYR A 425 -7.90 1.54 14.77
C TYR A 425 -6.56 0.84 14.64
N ASN A 426 -5.65 1.39 13.84
CA ASN A 426 -4.36 0.75 13.62
C ASN A 426 -3.50 0.78 14.88
N ILE A 427 -3.60 1.83 15.71
CA ILE A 427 -2.85 1.87 16.96
C ILE A 427 -3.44 0.88 17.96
N TRP A 428 -4.76 0.71 17.95
CA TRP A 428 -5.38 -0.29 18.82
C TRP A 428 -4.92 -1.69 18.46
N VAL A 429 -4.97 -2.03 17.18
CA VAL A 429 -4.54 -3.36 16.71
C VAL A 429 -3.10 -3.61 17.12
N TYR A 430 -2.21 -2.63 16.88
CA TYR A 430 -0.82 -2.78 17.27
C TYR A 430 -0.68 -2.98 18.78
N THR A 431 -1.35 -2.13 19.56
CA THR A 431 -1.31 -2.26 21.01
C THR A 431 -1.86 -3.61 21.45
N GLN A 432 -2.93 -4.07 20.82
CA GLN A 432 -3.54 -5.34 21.21
C GLN A 432 -2.63 -6.52 20.89
N ILE A 433 -1.99 -6.51 19.73
CA ILE A 433 -1.22 -7.67 19.29
C ILE A 433 0.16 -7.69 19.95
N THR A 434 0.80 -6.53 20.09
CA THR A 434 2.15 -6.49 20.63
C THR A 434 2.19 -6.30 22.14
N GLY A 435 1.25 -5.57 22.71
CA GLY A 435 1.34 -5.20 24.10
C GLY A 435 2.29 -4.06 24.39
N ASP A 436 2.82 -3.43 23.34
CA ASP A 436 3.77 -2.33 23.46
C ASP A 436 2.97 -1.05 23.70
N THR A 437 2.78 -0.70 24.97
CA THR A 437 2.08 0.52 25.33
C THR A 437 2.94 1.77 25.16
N SER A 438 4.21 1.62 24.81
CA SER A 438 5.08 2.78 24.64
C SER A 438 4.70 3.61 23.41
N LEU A 439 3.97 3.04 22.46
CA LEU A 439 3.48 3.83 21.34
C LEU A 439 2.33 4.74 21.77
N LEU A 440 1.42 4.22 22.58
CA LEU A 440 0.35 5.05 23.12
C LEU A 440 0.91 6.19 23.96
N ARG A 441 1.98 5.92 24.71
CA ARG A 441 2.59 6.96 25.52
C ARG A 441 3.25 8.03 24.65
N GLU A 442 3.87 7.62 23.55
CA GLU A 442 4.61 8.55 22.69
C GLU A 442 3.76 9.05 21.53
N GLY A 443 2.56 9.56 21.85
CA GLY A 443 1.69 10.22 20.88
C GLY A 443 0.43 9.44 20.57
N GLY A 444 0.46 8.11 20.70
CA GLY A 444 -0.68 7.31 20.30
C GLY A 444 -1.95 7.64 21.05
N LEU A 445 -1.84 7.88 22.36
CA LEU A 445 -3.02 8.27 23.13
C LEU A 445 -3.42 9.70 22.81
N GLU A 446 -2.45 10.59 22.61
CA GLU A 446 -2.77 11.96 22.21
C GLU A 446 -3.50 11.98 20.88
N LEU A 447 -3.06 11.15 19.93
CA LEU A 447 -3.76 11.06 18.64
C LEU A 447 -5.20 10.63 18.85
N LEU A 448 -5.43 9.63 19.69
CA LEU A 448 -6.79 9.19 19.96
C LEU A 448 -7.60 10.29 20.64
N LEU A 449 -7.00 10.98 21.61
CA LEU A 449 -7.73 12.01 22.35
C LEU A 449 -8.03 13.20 21.45
N GLU A 450 -7.11 13.55 20.55
CA GLU A 450 -7.32 14.70 19.68
C GLU A 450 -8.31 14.39 18.57
N THR A 451 -8.24 13.20 17.99
CA THR A 451 -9.21 12.82 16.97
C THR A 451 -10.60 12.64 17.59
N THR A 452 -10.67 12.06 18.78
CA THR A 452 -11.94 11.99 19.50
C THR A 452 -12.54 13.38 19.66
N LYS A 453 -11.69 14.38 19.92
CA LYS A 453 -12.17 15.75 20.01
C LYS A 453 -12.79 16.20 18.69
N PHE A 454 -12.21 15.78 17.56
CA PHE A 454 -12.79 16.12 16.26
C PHE A 454 -14.18 15.51 16.12
N TRP A 455 -14.33 14.24 16.48
CA TRP A 455 -15.61 13.58 16.32
C TRP A 455 -16.65 14.10 17.32
N LEU A 456 -16.26 14.20 18.60
CA LEU A 456 -17.20 14.62 19.63
C LEU A 456 -17.71 16.03 19.38
N ASN A 457 -16.83 16.92 18.91
CA ASN A 457 -17.25 18.29 18.63
C ASN A 457 -18.15 18.36 17.41
N LYS A 458 -17.83 17.58 16.37
CA LYS A 458 -18.65 17.56 15.16
C LYS A 458 -20.03 16.96 15.40
N ALA A 459 -20.19 16.15 16.44
CA ALA A 459 -21.48 15.50 16.70
C ALA A 459 -22.55 16.53 17.00
N GLU A 460 -23.80 16.17 16.69
CA GLU A 460 -24.96 17.03 16.92
C GLU A 460 -26.05 16.21 17.61
N GLU A 461 -26.41 16.63 18.81
CA GLU A 461 -27.49 16.00 19.56
C GLU A 461 -28.83 16.54 19.10
N ASP A 462 -29.79 15.65 18.86
CA ASP A 462 -31.13 16.07 18.47
C ASP A 462 -32.00 16.25 19.72
N ALA A 463 -33.29 16.49 19.51
CA ALA A 463 -34.18 16.74 20.64
C ALA A 463 -34.41 15.50 21.48
N ASP A 464 -34.37 14.32 20.86
CA ASP A 464 -34.63 13.07 21.57
C ASP A 464 -33.36 12.38 22.05
N GLY A 465 -32.21 13.06 22.02
CA GLY A 465 -31.00 12.55 22.61
C GLY A 465 -30.07 11.79 21.69
N ARG A 466 -30.43 11.61 20.41
CA ARG A 466 -29.58 10.89 19.49
C ARG A 466 -28.52 11.82 18.92
N TYR A 467 -27.30 11.30 18.78
CA TYR A 467 -26.17 12.06 18.23
C TYR A 467 -25.98 11.70 16.76
N HIS A 468 -25.64 12.70 15.96
CA HIS A 468 -25.52 12.54 14.52
C HIS A 468 -24.20 13.12 14.03
N ILE A 469 -23.66 12.50 12.99
CA ILE A 469 -22.43 12.95 12.34
C ILE A 469 -22.76 13.21 10.88
N ALA A 470 -22.67 14.49 10.47
CA ALA A 470 -23.10 14.90 9.15
C ALA A 470 -21.92 15.42 8.33
N GLY A 471 -22.18 15.65 7.05
CA GLY A 471 -21.19 16.23 6.16
C GLY A 471 -20.00 15.35 5.85
N VAL A 472 -20.18 14.03 5.90
CA VAL A 472 -19.09 13.09 5.72
C VAL A 472 -19.41 12.14 4.57
N MET A 473 -18.40 11.41 4.13
CA MET A 473 -18.53 10.37 3.13
C MET A 473 -18.08 9.04 3.73
N GLY A 474 -18.75 7.97 3.32
CA GLY A 474 -18.32 6.65 3.71
C GLY A 474 -17.32 6.09 2.71
N PRO A 475 -16.82 4.88 2.96
CA PRO A 475 -15.90 4.25 2.00
C PRO A 475 -16.47 4.11 0.61
N ASP A 476 -17.79 4.00 0.47
CA ASP A 476 -18.42 3.96 -0.85
C ASP A 476 -18.24 5.35 -1.48
N GLU A 477 -17.21 5.49 -2.30
CA GLU A 477 -16.92 6.79 -2.90
C GLU A 477 -17.97 7.23 -3.90
N TYR A 478 -18.88 6.34 -4.31
CA TYR A 478 -19.91 6.68 -5.29
C TYR A 478 -20.93 7.67 -4.76
N HIS A 479 -20.96 7.92 -3.45
CA HIS A 479 -21.99 8.77 -2.85
C HIS A 479 -21.28 9.90 -2.10
N GLU A 480 -21.37 11.11 -2.64
CA GLU A 480 -20.72 12.28 -2.08
C GLU A 480 -21.69 13.27 -1.46
N ALA A 481 -22.98 13.17 -1.78
CA ALA A 481 -23.96 14.13 -1.30
C ALA A 481 -25.36 13.55 -1.44
N TYR A 482 -26.30 14.18 -0.76
CA TYR A 482 -27.70 13.86 -0.94
C TYR A 482 -28.19 14.40 -2.29
N PRO A 483 -29.18 13.76 -2.90
CA PRO A 483 -29.75 14.30 -4.14
C PRO A 483 -30.36 15.68 -3.91
N GLY A 484 -30.07 16.61 -4.82
CA GLY A 484 -30.70 17.91 -4.85
C GLY A 484 -29.80 19.06 -4.44
N THR A 485 -28.82 18.80 -3.57
CA THR A 485 -27.98 19.86 -3.02
C THR A 485 -26.57 19.80 -3.60
N GLU A 486 -25.87 20.93 -3.48
CA GLU A 486 -24.45 21.00 -3.76
C GLU A 486 -23.60 20.84 -2.51
N ALA A 487 -24.20 20.90 -1.33
CA ALA A 487 -23.46 20.67 -0.09
C ALA A 487 -22.96 19.22 -0.08
N GLY A 488 -21.65 19.06 0.11
CA GLY A 488 -21.08 17.73 0.13
C GLY A 488 -21.34 17.01 1.44
N GLY A 489 -21.32 15.69 1.37
CA GLY A 489 -21.43 14.86 2.56
C GLY A 489 -22.83 14.41 2.89
N ILE A 490 -22.95 13.17 3.38
CA ILE A 490 -24.22 12.62 3.83
C ILE A 490 -24.21 12.54 5.36
N LYS A 491 -25.30 12.05 5.94
CA LYS A 491 -25.45 12.03 7.39
C LYS A 491 -25.51 10.60 7.90
N ASP A 492 -24.83 10.38 9.03
CA ASP A 492 -24.92 9.13 9.79
C ASP A 492 -24.54 7.92 8.93
N ASN A 493 -23.38 8.01 8.30
CA ASN A 493 -22.80 6.85 7.63
C ASN A 493 -22.60 5.75 8.66
N ALA A 494 -23.18 4.58 8.39
CA ALA A 494 -23.19 3.52 9.40
C ALA A 494 -21.78 3.07 9.75
N TYR A 495 -20.89 3.01 8.76
CA TYR A 495 -19.52 2.59 9.03
C TYR A 495 -18.82 3.56 9.96
N THR A 496 -19.10 4.86 9.80
CA THR A 496 -18.41 5.88 10.59
C THR A 496 -18.91 5.91 12.03
N ASN A 497 -20.23 5.89 12.21
CA ASN A 497 -20.79 5.94 13.56
C ASN A 497 -20.40 4.70 14.35
N LEU A 498 -20.29 3.54 13.71
CA LEU A 498 -19.91 2.32 14.40
C LEU A 498 -18.43 2.34 14.76
N MET A 499 -17.57 2.66 13.80
CA MET A 499 -16.13 2.77 14.10
C MET A 499 -15.87 3.81 15.17
N LEU A 500 -16.61 4.94 15.13
CA LEU A 500 -16.47 5.95 16.16
C LEU A 500 -16.97 5.43 17.51
N THR A 501 -18.08 4.69 17.51
CA THR A 501 -18.55 4.07 18.74
C THR A 501 -17.49 3.16 19.33
N TRP A 502 -16.75 2.44 18.46
CA TRP A 502 -15.66 1.61 18.94
C TRP A 502 -14.57 2.45 19.59
N SER A 503 -14.20 3.57 18.96
CA SER A 503 -13.07 4.36 19.44
C SER A 503 -13.34 4.94 20.83
N LEU A 504 -14.60 5.30 21.10
CA LEU A 504 -14.94 5.80 22.43
C LEU A 504 -14.87 4.67 23.45
N ASN A 505 -15.30 3.46 23.07
CA ASN A 505 -15.16 2.32 23.97
C ASN A 505 -13.70 2.11 24.36
N TRP A 506 -12.80 2.11 23.38
CA TRP A 506 -11.39 1.88 23.67
C TRP A 506 -10.79 3.03 24.46
N LEU A 507 -11.21 4.26 24.17
CA LEU A 507 -10.80 5.40 24.98
C LEU A 507 -11.22 5.20 26.43
N LEU A 508 -12.49 4.85 26.65
CA LEU A 508 -13.00 4.70 28.01
C LEU A 508 -12.34 3.54 28.74
N GLU A 509 -11.99 2.47 28.02
CA GLU A 509 -11.22 1.39 28.64
C GLU A 509 -9.84 1.88 29.07
N LEU A 510 -9.20 2.71 28.23
CA LEU A 510 -7.86 3.19 28.55
C LEU A 510 -7.86 4.06 29.80
N ALA A 511 -8.94 4.80 30.03
CA ALA A 511 -9.01 5.64 31.24
C ALA A 511 -9.03 4.82 32.52
N GLU A 512 -9.44 3.55 32.44
CA GLU A 512 -9.47 2.66 33.60
C GLU A 512 -8.22 1.78 33.71
N THR A 513 -7.83 1.16 32.60
CA THR A 513 -6.70 0.24 32.60
C THR A 513 -5.35 0.95 32.46
N GLN A 514 -5.35 2.24 32.08
CA GLN A 514 -4.13 3.01 31.89
C GLN A 514 -4.35 4.41 32.46
N THR A 515 -4.74 4.48 33.73
CA THR A 515 -5.15 5.75 34.32
C THR A 515 -3.99 6.75 34.40
N GLU A 516 -2.81 6.28 34.82
CA GLU A 516 -1.66 7.18 34.93
C GLU A 516 -1.34 7.84 33.60
N MET A 517 -1.22 7.03 32.54
CA MET A 517 -0.96 7.59 31.21
C MET A 517 -2.10 8.48 30.74
N PHE A 518 -3.34 8.08 31.02
CA PHE A 518 -4.50 8.81 30.51
C PHE A 518 -4.57 10.21 31.10
N GLU A 519 -4.54 10.31 32.43
CA GLU A 519 -4.67 11.62 33.08
C GLU A 519 -3.53 12.54 32.68
N SER A 520 -2.35 11.98 32.44
CA SER A 520 -1.22 12.79 31.97
C SER A 520 -1.50 13.38 30.60
N VAL A 521 -1.92 12.54 29.65
CA VAL A 521 -2.15 13.02 28.29
C VAL A 521 -3.41 13.88 28.23
N ALA A 522 -4.43 13.53 29.02
CA ALA A 522 -5.66 14.32 29.03
C ALA A 522 -5.42 15.72 29.60
N HIS A 523 -4.53 15.82 30.60
CA HIS A 523 -4.15 17.14 31.11
C HIS A 523 -3.42 17.94 30.03
N GLU A 524 -2.51 17.29 29.29
CA GLU A 524 -1.74 17.99 28.27
C GLU A 524 -2.57 18.38 27.07
N THR A 525 -3.71 17.72 26.84
CA THR A 525 -4.54 17.98 25.67
C THR A 525 -5.84 18.70 26.03
N ASP A 526 -6.01 19.13 27.28
CA ASP A 526 -7.25 19.74 27.75
C ASP A 526 -8.45 18.83 27.52
N PHE A 527 -8.25 17.53 27.70
CA PHE A 527 -9.36 16.57 27.64
C PHE A 527 -9.91 16.40 29.06
N GLY A 528 -10.69 17.40 29.47
CA GLY A 528 -11.28 17.40 30.80
C GLY A 528 -12.57 16.60 30.86
N SER A 529 -13.19 16.63 32.06
CA SER A 529 -14.40 15.85 32.30
C SER A 529 -15.49 16.17 31.29
N ASP A 530 -15.57 17.41 30.82
CA ASP A 530 -16.56 17.77 29.82
C ASP A 530 -16.42 16.92 28.56
N TRP A 531 -15.19 16.84 28.03
CA TRP A 531 -14.94 15.99 26.88
C TRP A 531 -15.21 14.53 27.20
N LEU A 532 -14.80 14.08 28.38
CA LEU A 532 -14.99 12.68 28.75
C LEU A 532 -16.47 12.36 28.95
N ASN A 533 -17.23 13.31 29.52
CA ASN A 533 -18.67 13.12 29.64
C ASN A 533 -19.33 13.08 28.27
N LEU A 534 -18.88 13.93 27.35
CA LEU A 534 -19.41 13.90 25.99
C LEU A 534 -19.10 12.56 25.34
N ALA A 535 -17.89 12.01 25.56
CA ALA A 535 -17.53 10.73 24.98
C ALA A 535 -18.45 9.61 25.46
N LYS A 536 -18.78 9.60 26.74
CA LYS A 536 -19.63 8.55 27.28
C LYS A 536 -21.03 8.61 26.68
N ASN A 537 -21.60 9.80 26.56
CA ASN A 537 -22.94 9.93 26.00
C ASN A 537 -22.96 9.71 24.50
N VAL A 538 -21.89 10.07 23.79
CA VAL A 538 -21.84 9.79 22.36
C VAL A 538 -21.67 8.29 22.13
N SER A 539 -20.92 7.62 23.01
CA SER A 539 -20.79 6.16 22.91
C SER A 539 -22.11 5.44 23.10
N LYS A 540 -23.11 6.10 23.67
CA LYS A 540 -24.42 5.50 23.90
C LYS A 540 -25.50 6.00 22.97
N GLY A 541 -25.33 7.17 22.36
CA GLY A 541 -26.42 7.81 21.65
C GLY A 541 -26.21 8.05 20.17
N LEU A 542 -25.14 7.52 19.58
CA LEU A 542 -24.94 7.67 18.15
C LEU A 542 -26.06 6.97 17.39
N ALA A 543 -26.50 7.59 16.30
CA ALA A 543 -27.70 7.14 15.60
C ALA A 543 -27.36 6.22 14.44
N LEU A 544 -28.20 5.22 14.24
CA LEU A 544 -28.17 4.36 13.07
C LEU A 544 -29.58 4.22 12.52
N GLU A 545 -29.67 3.97 11.22
CA GLU A 545 -30.96 3.73 10.56
C GLU A 545 -31.01 2.26 10.15
N ILE A 546 -31.88 1.50 10.79
CA ILE A 546 -32.06 0.08 10.49
C ILE A 546 -33.53 -0.16 10.17
N SER A 547 -33.78 -0.82 9.04
CA SER A 547 -35.13 -1.09 8.60
C SER A 547 -35.77 -2.19 9.45
N PRO A 548 -37.10 -2.35 9.38
CA PRO A 548 -37.74 -3.43 10.14
C PRO A 548 -37.17 -4.81 9.86
N GLU A 549 -36.63 -5.04 8.66
CA GLU A 549 -36.05 -6.34 8.33
C GLU A 549 -34.66 -6.53 8.93
N GLY A 550 -34.06 -5.48 9.47
CA GLY A 550 -32.73 -5.57 10.03
C GLY A 550 -31.62 -5.08 9.12
N ILE A 551 -31.95 -4.40 8.04
CA ILE A 551 -30.93 -3.84 7.14
C ILE A 551 -30.44 -2.54 7.74
N ILE A 552 -29.13 -2.46 7.97
CA ILE A 552 -28.50 -1.23 8.45
C ILE A 552 -28.23 -0.33 7.24
N ALA A 553 -28.93 0.80 7.18
CA ALA A 553 -28.80 1.70 6.04
C ALA A 553 -27.39 2.28 5.99
N GLN A 554 -26.79 2.28 4.79
CA GLN A 554 -25.44 2.82 4.61
C GLN A 554 -25.31 4.19 5.28
N TYR A 555 -26.27 5.07 5.02
CA TYR A 555 -26.37 6.33 5.74
C TYR A 555 -27.85 6.72 5.78
N ALA A 556 -28.14 7.80 6.52
CA ALA A 556 -29.52 8.22 6.71
C ALA A 556 -30.14 8.59 5.37
N GLY A 557 -31.31 8.00 5.07
CA GLY A 557 -31.99 8.27 3.83
C GLY A 557 -31.59 7.44 2.65
N TYR A 558 -30.72 6.44 2.84
CA TYR A 558 -30.25 5.59 1.75
C TYR A 558 -31.38 4.76 1.15
N PHE A 559 -32.35 4.36 1.96
CA PHE A 559 -33.44 3.54 1.46
C PHE A 559 -34.30 4.29 0.47
N ASP A 560 -34.27 5.62 0.48
CA ASP A 560 -35.09 6.40 -0.44
C ASP A 560 -34.51 6.48 -1.84
N LEU A 561 -33.24 6.16 -2.02
CA LEU A 561 -32.61 6.29 -3.33
C LEU A 561 -33.18 5.27 -4.31
N GLU A 562 -32.86 5.48 -5.59
CA GLU A 562 -33.42 4.67 -6.66
C GLU A 562 -32.61 3.39 -6.87
N ALA A 563 -33.24 2.43 -7.55
CA ALA A 563 -32.58 1.18 -7.88
C ALA A 563 -31.92 1.27 -9.26
N VAL A 564 -30.91 0.44 -9.46
CA VAL A 564 -30.18 0.35 -10.72
C VAL A 564 -30.43 -1.02 -11.33
N ASP A 565 -30.69 -1.05 -12.63
CA ASP A 565 -30.83 -2.30 -13.37
C ASP A 565 -29.43 -2.78 -13.73
N PHE A 566 -28.81 -3.54 -12.82
CA PHE A 566 -27.42 -3.94 -13.02
C PHE A 566 -27.27 -4.86 -14.22
N ALA A 567 -28.21 -5.79 -14.42
CA ALA A 567 -28.11 -6.72 -15.54
C ALA A 567 -28.22 -5.99 -16.87
N ALA A 568 -29.07 -4.95 -16.93
CA ALA A 568 -29.19 -4.17 -18.16
C ALA A 568 -27.91 -3.39 -18.45
N TYR A 569 -27.33 -2.76 -17.43
CA TYR A 569 -26.09 -2.03 -17.62
C TYR A 569 -24.94 -2.95 -17.99
N GLU A 570 -24.97 -4.19 -17.48
CA GLU A 570 -23.90 -5.14 -17.79
C GLU A 570 -23.98 -5.59 -19.25
N ALA A 571 -25.17 -5.94 -19.72
CA ALA A 571 -25.32 -6.38 -21.11
C ALA A 571 -25.10 -5.23 -22.09
N LYS A 572 -25.50 -4.01 -21.70
CA LYS A 572 -25.32 -2.85 -22.57
C LYS A 572 -23.86 -2.42 -22.66
N TYR A 573 -23.20 -2.26 -21.51
CA TYR A 573 -21.85 -1.69 -21.47
C TYR A 573 -20.73 -2.70 -21.27
N GLY A 574 -21.03 -3.88 -20.75
CA GLY A 574 -20.01 -4.89 -20.51
C GLY A 574 -19.65 -5.01 -19.04
N ASP A 575 -18.66 -4.25 -18.61
CA ASP A 575 -18.26 -4.21 -17.21
C ASP A 575 -18.93 -3.02 -16.52
N ILE A 576 -19.38 -3.24 -15.29
CA ILE A 576 -20.05 -2.21 -14.51
C ILE A 576 -19.26 -1.82 -13.27
N HIS A 577 -18.01 -2.26 -13.14
CA HIS A 577 -17.25 -1.86 -11.97
C HIS A 577 -16.91 -0.37 -11.98
N ARG A 578 -17.11 0.32 -13.10
CA ARG A 578 -17.08 1.78 -13.15
C ARG A 578 -18.47 2.33 -13.48
N ILE A 579 -19.51 1.68 -12.95
CA ILE A 579 -20.89 2.09 -13.23
C ILE A 579 -21.12 3.55 -12.87
N ASP A 580 -20.34 4.08 -11.92
CA ASP A 580 -20.45 5.49 -11.57
C ASP A 580 -20.12 6.37 -12.78
N ARG A 581 -19.08 6.02 -13.52
CA ARG A 581 -18.72 6.78 -14.72
C ARG A 581 -19.70 6.50 -15.84
N LEU A 582 -20.27 5.29 -15.88
CA LEU A 582 -21.34 5.00 -16.83
C LEU A 582 -22.57 5.84 -16.52
N LEU A 583 -22.91 5.97 -15.24
CA LEU A 583 -24.07 6.77 -14.86
C LEU A 583 -23.86 8.24 -15.21
N LYS A 584 -22.66 8.76 -14.97
CA LYS A 584 -22.40 10.16 -15.25
C LYS A 584 -22.37 10.43 -16.75
N ALA A 585 -21.94 9.46 -17.56
CA ALA A 585 -21.97 9.65 -19.01
C ALA A 585 -23.38 9.74 -19.55
N GLU A 586 -24.36 9.18 -18.84
CA GLU A 586 -25.76 9.28 -19.21
C GLU A 586 -26.46 10.48 -18.59
N GLY A 587 -25.69 11.42 -18.03
CA GLY A 587 -26.29 12.54 -17.33
C GLY A 587 -26.92 12.19 -16.01
N LEU A 588 -26.60 11.02 -15.45
CA LEU A 588 -27.17 10.55 -14.20
C LEU A 588 -26.14 10.67 -13.08
N SER A 589 -26.63 10.85 -11.86
CA SER A 589 -25.76 11.01 -10.71
C SER A 589 -25.78 9.76 -9.84
N PRO A 590 -24.62 9.18 -9.51
CA PRO A 590 -24.62 8.05 -8.57
C PRO A 590 -25.12 8.42 -7.18
N ASP A 591 -25.15 9.72 -6.85
CA ASP A 591 -25.76 10.17 -5.61
C ASP A 591 -27.21 9.71 -5.47
N ASP A 592 -27.88 9.42 -6.58
CA ASP A 592 -29.31 9.13 -6.58
C ASP A 592 -29.64 7.65 -6.46
N TYR A 593 -28.65 6.76 -6.51
CA TYR A 593 -28.93 5.34 -6.68
C TYR A 593 -28.30 4.50 -5.58
N GLN A 594 -28.88 3.31 -5.39
CA GLN A 594 -28.39 2.33 -4.43
C GLN A 594 -27.35 1.47 -5.12
N VAL A 595 -26.10 1.95 -5.13
CA VAL A 595 -24.99 1.23 -5.72
C VAL A 595 -23.74 1.55 -4.92
N ALA A 596 -22.95 0.51 -4.62
CA ALA A 596 -21.78 0.65 -3.76
C ALA A 596 -20.51 0.29 -4.53
N LYS A 597 -19.51 1.17 -4.45
CA LYS A 597 -18.21 0.88 -5.03
C LYS A 597 -17.52 -0.27 -4.32
N GLN A 598 -17.63 -0.31 -2.99
CA GLN A 598 -16.94 -1.30 -2.18
C GLN A 598 -17.70 -1.45 -0.86
N ALA A 599 -17.14 -2.24 0.05
CA ALA A 599 -17.75 -2.41 1.37
C ALA A 599 -17.76 -1.09 2.11
N ASP A 600 -18.95 -0.68 2.55
CA ASP A 600 -19.10 0.49 3.41
C ASP A 600 -19.59 0.05 4.77
N THR A 601 -20.89 -0.26 4.87
CA THR A 601 -21.43 -0.80 6.12
C THR A 601 -20.75 -2.11 6.49
N LEU A 602 -20.49 -2.97 5.51
CA LEU A 602 -19.84 -4.24 5.80
C LEU A 602 -18.36 -4.09 6.09
N MET A 603 -17.75 -2.93 5.82
CA MET A 603 -16.36 -2.73 6.17
C MET A 603 -16.15 -2.79 7.68
N THR A 604 -17.19 -2.53 8.47
CA THR A 604 -17.08 -2.69 9.91
C THR A 604 -16.75 -4.12 10.29
N ILE A 605 -17.24 -5.09 9.51
CA ILE A 605 -16.98 -6.49 9.82
C ILE A 605 -15.53 -6.84 9.53
N TYR A 606 -14.97 -6.30 8.44
CA TYR A 606 -13.54 -6.50 8.19
C TYR A 606 -12.71 -5.98 9.35
N ASN A 607 -13.07 -4.82 9.89
CA ASN A 607 -12.27 -4.21 10.94
C ASN A 607 -12.42 -4.97 12.26
N LEU A 608 -13.64 -5.33 12.63
CA LEU A 608 -13.92 -5.78 13.99
C LEU A 608 -14.55 -7.16 14.07
N GLY A 609 -15.05 -7.72 12.98
CA GLY A 609 -15.80 -8.95 13.04
C GLY A 609 -17.27 -8.71 13.37
N ASN A 610 -18.09 -9.71 13.05
CA ASN A 610 -19.54 -9.54 13.19
C ASN A 610 -19.97 -9.51 14.65
N ARG A 611 -19.30 -10.27 15.52
CA ARG A 611 -19.68 -10.29 16.93
C ARG A 611 -19.41 -8.95 17.59
N HIS A 612 -18.25 -8.35 17.31
CA HIS A 612 -17.95 -7.02 17.85
C HIS A 612 -18.94 -5.99 17.34
N MET A 613 -19.23 -6.00 16.04
CA MET A 613 -20.13 -5.00 15.47
C MET A 613 -21.54 -5.15 16.02
N ALA A 614 -22.01 -6.39 16.19
CA ALA A 614 -23.32 -6.61 16.80
C ALA A 614 -23.35 -6.06 18.22
N LYS A 615 -22.25 -6.20 18.96
CA LYS A 615 -22.18 -5.65 20.31
C LYS A 615 -22.27 -4.13 20.29
N LEU A 616 -21.69 -3.49 19.26
CA LEU A 616 -21.75 -2.04 19.18
C LEU A 616 -23.16 -1.55 18.87
N VAL A 617 -23.84 -2.21 17.94
CA VAL A 617 -25.21 -1.82 17.60
C VAL A 617 -26.12 -1.97 18.82
N ALA A 618 -25.99 -3.08 19.55
CA ALA A 618 -26.78 -3.26 20.76
C ALA A 618 -26.39 -2.23 21.82
N GLN A 619 -25.11 -1.89 21.90
CA GLN A 619 -24.67 -0.85 22.83
C GLN A 619 -25.34 0.48 22.53
N LEU A 620 -25.65 0.74 21.26
CA LEU A 620 -26.35 1.96 20.87
C LEU A 620 -27.86 1.86 21.05
N GLY A 621 -28.35 0.77 21.63
CA GLY A 621 -29.77 0.63 21.88
C GLY A 621 -30.59 0.23 20.68
N TYR A 622 -30.04 -0.60 19.80
CA TYR A 622 -30.73 -1.08 18.61
C TYR A 622 -30.78 -2.60 18.63
N ASP A 623 -31.90 -3.15 18.19
CA ASP A 623 -32.11 -4.60 18.15
C ASP A 623 -31.93 -5.10 16.72
N LEU A 624 -31.11 -6.12 16.56
CA LEU A 624 -30.88 -6.75 15.27
C LEU A 624 -31.49 -8.15 15.27
N PRO A 625 -32.00 -8.61 14.13
CA PRO A 625 -32.42 -10.01 14.03
C PRO A 625 -31.21 -10.92 14.05
N GLU A 626 -31.43 -12.17 14.46
CA GLU A 626 -30.32 -13.07 14.70
C GLU A 626 -29.54 -13.41 13.43
N ASN A 627 -30.13 -13.16 12.25
CA ASN A 627 -29.46 -13.42 10.97
C ASN A 627 -29.15 -12.13 10.22
N TRP A 628 -28.82 -11.08 10.97
CA TRP A 628 -28.59 -9.78 10.34
C TRP A 628 -27.38 -9.79 9.40
N LEU A 629 -26.39 -10.63 9.69
CA LEU A 629 -25.19 -10.65 8.86
C LEU A 629 -25.51 -11.08 7.43
N ALA A 630 -26.18 -12.22 7.27
CA ALA A 630 -26.53 -12.70 5.94
C ALA A 630 -27.47 -11.73 5.23
N LEU A 631 -28.43 -11.16 5.96
CA LEU A 631 -29.36 -10.21 5.35
C LEU A 631 -28.64 -8.97 4.84
N ASN A 632 -27.77 -8.39 5.69
CA ASN A 632 -27.05 -7.20 5.28
C ASN A 632 -26.03 -7.51 4.19
N LYS A 633 -25.38 -8.67 4.26
CA LYS A 633 -24.46 -9.07 3.20
C LYS A 633 -25.20 -9.25 1.89
N ASP A 634 -26.33 -9.97 1.91
CA ASP A 634 -27.13 -10.15 0.71
C ASP A 634 -27.58 -8.81 0.14
N TYR A 635 -28.10 -7.94 1.02
CA TYR A 635 -28.59 -6.64 0.58
C TYR A 635 -27.52 -5.85 -0.16
N TYR A 636 -26.31 -5.77 0.42
CA TYR A 636 -25.31 -4.86 -0.13
C TYR A 636 -24.47 -5.48 -1.24
N LEU A 637 -24.30 -6.81 -1.26
CA LEU A 637 -23.63 -7.43 -2.39
C LEU A 637 -24.43 -7.23 -3.67
N ALA A 638 -25.76 -7.26 -3.56
CA ALA A 638 -26.62 -7.03 -4.72
C ALA A 638 -26.48 -5.62 -5.28
N ARG A 639 -25.92 -4.69 -4.50
CA ARG A 639 -25.75 -3.31 -4.93
C ARG A 639 -24.29 -2.92 -5.14
N THR A 640 -23.36 -3.84 -5.00
CA THR A 640 -21.93 -3.53 -5.05
C THR A 640 -21.32 -4.06 -6.34
N VAL A 641 -20.64 -3.17 -7.08
CA VAL A 641 -20.06 -3.51 -8.37
C VAL A 641 -18.55 -3.72 -8.30
N HIS A 642 -17.95 -3.58 -7.12
CA HIS A 642 -16.52 -3.84 -6.92
C HIS A 642 -15.66 -2.92 -7.81
N GLY A 643 -15.92 -1.62 -7.69
CA GLY A 643 -15.09 -0.61 -8.34
C GLY A 643 -13.69 -0.49 -7.78
N SER A 644 -13.44 -1.07 -6.62
CA SER A 644 -12.11 -1.09 -6.01
C SER A 644 -11.64 -2.53 -5.87
N THR A 645 -10.33 -2.72 -5.87
CA THR A 645 -9.77 -4.06 -5.70
C THR A 645 -9.98 -4.60 -4.30
N THR A 646 -10.30 -3.74 -3.33
CA THR A 646 -10.50 -4.15 -1.96
C THR A 646 -11.92 -4.57 -1.66
N SER A 647 -12.83 -4.52 -2.64
CA SER A 647 -14.23 -4.83 -2.40
C SER A 647 -14.44 -6.31 -2.12
N ARG A 648 -14.10 -7.16 -3.08
CA ARG A 648 -14.43 -8.57 -2.98
C ARG A 648 -13.90 -9.28 -1.73
N PRO A 649 -12.69 -9.00 -1.24
CA PRO A 649 -12.21 -9.76 -0.07
C PRO A 649 -13.00 -9.52 1.21
N VAL A 650 -13.66 -8.37 1.36
CA VAL A 650 -14.52 -8.17 2.51
C VAL A 650 -15.70 -9.14 2.47
N PHE A 651 -16.29 -9.31 1.29
CA PHE A 651 -17.35 -10.29 1.13
C PHE A 651 -16.84 -11.71 1.30
N ALA A 652 -15.60 -11.97 0.88
CA ALA A 652 -15.03 -13.31 1.03
C ALA A 652 -14.97 -13.72 2.49
N GLY A 653 -14.43 -12.85 3.35
CA GLY A 653 -14.36 -13.16 4.77
C GLY A 653 -15.72 -13.36 5.40
N ILE A 654 -16.70 -12.54 4.99
CA ILE A 654 -18.06 -12.71 5.48
C ILE A 654 -18.63 -14.04 5.02
N ASP A 655 -18.35 -14.42 3.76
CA ASP A 655 -18.81 -15.70 3.23
C ASP A 655 -18.28 -16.87 4.03
N VAL A 656 -17.06 -16.76 4.56
CA VAL A 656 -16.52 -17.81 5.42
C VAL A 656 -17.36 -17.97 6.67
N THR A 657 -17.72 -16.83 7.29
CA THR A 657 -18.58 -16.87 8.47
C THR A 657 -19.94 -17.46 8.14
N LEU A 658 -20.46 -17.17 6.94
CA LEU A 658 -21.74 -17.71 6.50
C LEU A 658 -21.62 -19.13 5.95
N ASN A 659 -20.41 -19.68 5.88
CA ASN A 659 -20.16 -20.99 5.28
C ASN A 659 -20.61 -21.02 3.82
N ASN A 660 -20.32 -19.94 3.10
CA ASN A 660 -20.49 -19.90 1.64
C ASN A 660 -19.11 -20.10 1.01
N MET A 661 -18.64 -21.34 1.09
CA MET A 661 -17.24 -21.63 0.77
C MET A 661 -16.94 -21.45 -0.71
N ASP A 662 -17.89 -21.80 -1.60
CA ASP A 662 -17.66 -21.64 -3.03
C ASP A 662 -17.43 -20.18 -3.39
N GLU A 663 -18.31 -19.30 -2.90
CA GLU A 663 -18.17 -17.87 -3.20
C GLU A 663 -16.96 -17.27 -2.51
N ALA A 664 -16.66 -17.73 -1.29
CA ALA A 664 -15.52 -17.20 -0.54
C ALA A 664 -14.20 -17.45 -1.27
N LEU A 665 -13.97 -18.70 -1.70
CA LEU A 665 -12.75 -18.98 -2.46
C LEU A 665 -12.77 -18.31 -3.83
N ASP A 666 -13.95 -18.14 -4.42
CA ASP A 666 -14.05 -17.46 -5.71
C ASP A 666 -13.60 -16.00 -5.59
N TYR A 667 -14.21 -15.26 -4.66
CA TYR A 667 -13.89 -13.83 -4.52
C TYR A 667 -12.43 -13.62 -4.13
N LEU A 668 -11.88 -14.53 -3.30
CA LEU A 668 -10.49 -14.39 -2.90
C LEU A 668 -9.55 -14.67 -4.06
N THR A 669 -9.85 -15.69 -4.85
CA THR A 669 -9.02 -15.98 -6.03
C THR A 669 -9.06 -14.82 -7.01
N THR A 670 -10.24 -14.22 -7.20
CA THR A 670 -10.36 -13.06 -8.08
C THR A 670 -9.48 -11.92 -7.61
N ALA A 671 -9.56 -11.58 -6.32
CA ALA A 671 -8.87 -10.40 -5.80
C ALA A 671 -7.36 -10.61 -5.77
N ILE A 672 -6.90 -11.78 -5.31
CA ILE A 672 -5.47 -11.98 -5.12
C ILE A 672 -4.73 -12.05 -6.45
N GLY A 673 -5.41 -12.49 -7.51
CA GLY A 673 -4.81 -12.59 -8.83
C GLY A 673 -5.03 -11.40 -9.74
N SER A 674 -5.62 -10.31 -9.23
CA SER A 674 -5.93 -9.15 -10.06
C SER A 674 -4.66 -8.59 -10.71
N ASP A 675 -3.67 -8.23 -9.89
CA ASP A 675 -2.45 -7.65 -10.41
C ASP A 675 -1.67 -8.65 -11.25
N TYR A 676 -1.60 -9.92 -10.79
CA TYR A 676 -0.78 -10.91 -11.45
C TYR A 676 -1.26 -11.18 -12.88
N TYR A 677 -2.54 -11.48 -13.04
CA TYR A 677 -3.04 -11.92 -14.35
C TYR A 677 -3.16 -10.75 -15.31
N ASP A 678 -3.81 -9.67 -14.88
CA ASP A 678 -3.97 -8.46 -15.70
C ASP A 678 -4.64 -8.79 -17.03
N ILE A 679 -5.80 -9.46 -16.96
CA ILE A 679 -6.53 -9.80 -18.17
C ILE A 679 -7.08 -8.55 -18.84
N GLN A 680 -7.49 -7.56 -18.04
CA GLN A 680 -7.91 -6.29 -18.63
C GLN A 680 -6.75 -5.58 -19.31
N GLY A 681 -5.57 -5.59 -18.69
CA GLY A 681 -4.38 -5.07 -19.33
C GLY A 681 -3.87 -3.75 -18.79
N GLY A 682 -2.88 -3.82 -17.90
CA GLY A 682 -2.22 -2.63 -17.39
C GLY A 682 -2.73 -2.09 -16.07
N THR A 683 -3.48 -2.88 -15.30
CA THR A 683 -4.07 -2.36 -14.06
C THR A 683 -3.01 -2.00 -13.03
N THR A 684 -1.81 -2.53 -13.13
CA THR A 684 -0.72 -2.18 -12.22
C THR A 684 0.31 -1.27 -12.89
N ALA A 685 -0.01 -0.70 -14.05
CA ALA A 685 0.92 0.17 -14.76
C ALA A 685 1.34 1.37 -13.93
N GLU A 686 0.53 1.77 -12.95
CA GLU A 686 0.82 2.94 -12.12
C GLU A 686 1.21 2.55 -10.70
N GLY A 687 1.41 1.26 -10.44
CA GLY A 687 1.79 0.80 -9.12
C GLY A 687 1.06 -0.45 -8.70
N VAL A 688 1.75 -1.34 -7.97
CA VAL A 688 1.10 -2.52 -7.44
C VAL A 688 0.05 -2.11 -6.41
N HIS A 689 -0.97 -2.94 -6.24
CA HIS A 689 -2.05 -2.63 -5.31
C HIS A 689 -1.72 -3.28 -3.98
N ILE A 690 -1.09 -2.49 -3.10
CA ILE A 690 -0.58 -3.02 -1.83
C ILE A 690 -1.72 -3.41 -0.92
N GLY A 691 -2.79 -2.61 -0.87
CA GLY A 691 -3.87 -2.88 0.07
C GLY A 691 -4.53 -4.22 -0.17
N VAL A 692 -4.77 -4.58 -1.43
CA VAL A 692 -5.39 -5.87 -1.71
C VAL A 692 -4.40 -7.00 -1.45
N MET A 693 -3.10 -6.73 -1.51
CA MET A 693 -2.13 -7.75 -1.15
C MET A 693 -2.22 -8.09 0.34
N GLY A 694 -2.34 -7.07 1.18
CA GLY A 694 -2.55 -7.33 2.60
C GLY A 694 -3.94 -7.82 2.90
N GLU A 695 -4.94 -7.38 2.13
CA GLU A 695 -6.31 -7.79 2.39
C GLU A 695 -6.53 -9.26 2.08
N THR A 696 -6.00 -9.74 0.95
CA THR A 696 -6.17 -11.15 0.61
C THR A 696 -5.42 -12.05 1.59
N LEU A 697 -4.26 -11.61 2.09
CA LEU A 697 -3.59 -12.35 3.14
C LEU A 697 -4.45 -12.42 4.40
N GLU A 698 -5.21 -11.36 4.69
CA GLU A 698 -6.14 -11.40 5.81
C GLU A 698 -7.20 -12.48 5.59
N VAL A 699 -7.74 -12.57 4.38
CA VAL A 699 -8.73 -13.60 4.07
C VAL A 699 -8.15 -14.99 4.31
N ILE A 700 -6.88 -15.17 3.98
CA ILE A 700 -6.26 -16.49 4.06
C ILE A 700 -6.00 -16.89 5.51
N GLN A 701 -5.51 -15.95 6.32
CA GLN A 701 -5.04 -16.26 7.67
C GLN A 701 -6.09 -15.99 8.75
N ASN A 702 -6.89 -14.95 8.61
CA ASN A 702 -7.80 -14.53 9.66
C ASN A 702 -9.25 -14.93 9.42
N GLU A 703 -9.64 -15.18 8.18
CA GLU A 703 -11.01 -15.59 7.89
C GLU A 703 -11.06 -17.09 7.62
N PHE A 704 -10.54 -17.51 6.47
CA PHE A 704 -10.33 -18.94 6.22
C PHE A 704 -9.50 -19.57 7.34
N GLY A 705 -8.29 -19.07 7.53
CA GLY A 705 -7.43 -19.55 8.60
C GLY A 705 -8.00 -19.36 9.98
N GLY A 706 -8.90 -18.40 10.15
CA GLY A 706 -9.63 -18.25 11.40
C GLY A 706 -8.78 -17.88 12.61
N VAL A 707 -7.73 -17.08 12.41
CA VAL A 707 -6.87 -16.64 13.50
C VAL A 707 -7.15 -15.16 13.74
N MET A 708 -7.52 -14.84 14.97
CA MET A 708 -7.71 -13.46 15.41
C MET A 708 -6.79 -13.18 16.59
N LEU A 709 -6.23 -11.97 16.63
CA LEU A 709 -5.37 -11.57 17.73
C LEU A 709 -5.78 -10.26 18.40
N ARG A 710 -6.72 -9.52 17.83
CA ARG A 710 -6.98 -8.14 18.24
C ARG A 710 -7.89 -8.03 19.46
N ASP A 711 -8.59 -9.09 19.85
CA ASP A 711 -9.62 -9.00 20.88
C ASP A 711 -9.11 -9.35 22.27
N GLY A 712 -7.87 -8.99 22.60
CA GLY A 712 -7.32 -9.26 23.91
C GLY A 712 -6.86 -10.69 24.13
N LEU A 713 -7.03 -11.57 23.15
CA LEU A 713 -6.60 -12.95 23.28
C LEU A 713 -6.47 -13.55 21.88
N VAL A 714 -5.79 -14.68 21.81
CA VAL A 714 -5.64 -15.41 20.56
C VAL A 714 -6.87 -16.31 20.39
N SER A 715 -7.60 -16.10 19.31
CA SER A 715 -8.81 -16.86 19.01
C SER A 715 -8.58 -17.69 17.76
N ILE A 716 -8.77 -19.00 17.87
CA ILE A 716 -8.48 -19.95 16.81
C ILE A 716 -9.77 -20.67 16.45
N ALA A 717 -10.33 -20.35 15.29
CA ALA A 717 -11.54 -21.01 14.78
C ALA A 717 -11.41 -21.20 13.28
N PRO A 718 -10.55 -22.12 12.84
CA PRO A 718 -10.33 -22.30 11.40
C PRO A 718 -11.53 -22.91 10.70
N ASN A 719 -11.73 -22.48 9.45
CA ASN A 719 -12.79 -23.00 8.59
C ASN A 719 -12.21 -23.11 7.18
N LEU A 720 -11.60 -24.27 6.88
CA LEU A 720 -10.90 -24.39 5.61
C LEU A 720 -11.82 -24.92 4.52
N PRO A 721 -11.61 -24.47 3.28
CA PRO A 721 -12.30 -25.10 2.15
C PRO A 721 -11.70 -26.46 1.84
N THR A 722 -12.54 -27.35 1.30
CA THR A 722 -12.12 -28.72 1.05
C THR A 722 -10.92 -28.78 0.11
N SER A 723 -10.80 -27.83 -0.82
CA SER A 723 -9.70 -27.84 -1.77
C SER A 723 -8.39 -27.33 -1.17
N TRP A 724 -8.40 -26.88 0.08
CA TRP A 724 -7.19 -26.41 0.77
C TRP A 724 -6.70 -27.54 1.66
N HIS A 725 -5.77 -28.34 1.16
CA HIS A 725 -5.31 -29.53 1.87
C HIS A 725 -4.40 -29.20 3.05
N ARG A 726 -3.71 -28.06 3.03
CA ARG A 726 -2.80 -27.72 4.11
C ARG A 726 -2.50 -26.23 4.09
N LEU A 727 -2.65 -25.58 5.24
CA LEU A 727 -2.39 -24.15 5.40
C LEU A 727 -1.52 -23.97 6.64
N ALA A 728 -0.27 -23.55 6.45
CA ALA A 728 0.68 -23.39 7.54
C ALA A 728 1.31 -22.01 7.51
N PHE A 729 1.45 -21.41 8.69
CA PHE A 729 2.03 -20.08 8.84
C PHE A 729 2.32 -19.86 10.32
N THR A 730 3.01 -18.74 10.60
CA THR A 730 3.34 -18.35 11.96
C THR A 730 2.69 -17.01 12.30
N GLN A 731 2.68 -16.70 13.59
CA GLN A 731 2.09 -15.47 14.11
C GLN A 731 2.85 -15.03 15.34
N LYS A 732 2.89 -13.71 15.56
CA LYS A 732 3.54 -13.12 16.72
C LYS A 732 2.49 -12.45 17.60
N TYR A 733 2.47 -12.80 18.89
CA TYR A 733 1.49 -12.25 19.82
C TYR A 733 2.21 -11.93 21.13
N ARG A 734 2.47 -10.64 21.35
CA ARG A 734 3.09 -10.15 22.59
C ARG A 734 4.39 -10.88 22.89
N GLY A 735 5.22 -11.03 21.86
CA GLY A 735 6.54 -11.64 22.01
C GLY A 735 6.58 -13.14 21.87
N THR A 736 5.42 -13.81 21.85
CA THR A 736 5.36 -15.25 21.71
C THR A 736 5.15 -15.61 20.24
N MET A 737 5.94 -16.58 19.76
CA MET A 737 5.73 -17.11 18.42
C MET A 737 4.67 -18.21 18.46
N LEU A 738 3.85 -18.26 17.41
CA LEU A 738 2.85 -19.31 17.27
C LEU A 738 2.97 -19.90 15.87
N THR A 739 2.94 -21.23 15.79
CA THR A 739 2.97 -21.94 14.53
C THR A 739 1.65 -22.69 14.34
N PHE A 740 1.15 -22.71 13.11
CA PHE A 740 -0.13 -23.34 12.81
C PHE A 740 0.02 -24.27 11.61
N GLU A 741 -0.59 -25.45 11.73
CA GLU A 741 -0.79 -26.35 10.59
C GLU A 741 -2.26 -26.71 10.55
N MET A 742 -2.90 -26.51 9.40
CA MET A 742 -4.35 -26.64 9.30
C MET A 742 -4.71 -27.47 8.07
N THR A 743 -5.68 -28.35 8.24
CA THR A 743 -6.30 -29.15 7.19
C THR A 743 -7.80 -28.93 7.27
N PRO A 744 -8.55 -29.35 6.25
CA PRO A 744 -10.01 -29.10 6.27
C PRO A 744 -10.75 -29.64 7.49
N GLU A 745 -10.10 -30.42 8.36
CA GLU A 745 -10.81 -30.99 9.50
C GLU A 745 -10.02 -30.94 10.81
N ALA A 746 -8.85 -30.32 10.85
CA ALA A 746 -8.06 -30.32 12.08
C ALA A 746 -7.09 -29.15 12.07
N VAL A 747 -6.77 -28.66 13.27
CA VAL A 747 -5.81 -27.58 13.45
C VAL A 747 -4.79 -28.00 14.50
N THR A 748 -3.52 -27.68 14.25
CA THR A 748 -2.43 -27.95 15.16
C THR A 748 -1.73 -26.64 15.49
N VAL A 749 -1.55 -26.36 16.77
CA VAL A 749 -1.00 -25.09 17.22
C VAL A 749 0.10 -25.34 18.24
N MET A 750 1.19 -24.59 18.15
CA MET A 750 2.31 -24.67 19.07
C MET A 750 2.81 -23.27 19.38
N ALA A 751 3.06 -23.00 20.65
CA ALA A 751 3.60 -21.71 21.09
C ALA A 751 4.94 -21.96 21.77
N ASP A 752 5.93 -21.12 21.44
CA ASP A 752 7.25 -21.23 22.05
C ASP A 752 7.32 -20.59 23.42
N ALA A 753 6.17 -20.21 23.96
CA ALA A 753 6.03 -19.70 25.32
C ALA A 753 4.67 -20.15 25.84
N PRO A 754 4.46 -20.12 27.16
CA PRO A 754 3.14 -20.48 27.69
C PRO A 754 2.11 -19.43 27.33
N LEU A 755 0.93 -19.91 26.91
CA LEU A 755 -0.11 -19.02 26.42
C LEU A 755 -1.48 -19.65 26.62
N ASP A 756 -2.42 -18.88 27.15
CA ASP A 756 -3.81 -19.28 27.24
C ASP A 756 -4.55 -18.75 26.02
N VAL A 757 -5.11 -19.66 25.22
CA VAL A 757 -5.78 -19.31 23.98
C VAL A 757 -7.17 -19.93 23.99
N GLU A 758 -7.92 -19.66 22.93
CA GLU A 758 -9.25 -20.23 22.73
C GLU A 758 -9.29 -20.91 21.37
N VAL A 759 -9.78 -22.15 21.33
CA VAL A 759 -9.92 -22.92 20.11
C VAL A 759 -11.39 -23.24 19.93
N TYR A 760 -11.99 -22.70 18.87
CA TYR A 760 -13.43 -22.82 18.62
C TYR A 760 -14.23 -22.39 19.83
N GLY A 761 -13.81 -21.27 20.45
CA GLY A 761 -14.47 -20.73 21.61
C GLY A 761 -14.16 -21.45 22.92
N GLN A 762 -13.40 -22.54 22.88
CA GLN A 762 -13.11 -23.30 24.10
C GLN A 762 -11.74 -22.91 24.64
N PRO A 763 -11.64 -22.62 25.94
CA PRO A 763 -10.34 -22.22 26.50
C PRO A 763 -9.32 -23.34 26.41
N VAL A 764 -8.09 -22.97 26.05
CA VAL A 764 -6.99 -23.92 25.88
C VAL A 764 -5.73 -23.29 26.45
N SER A 765 -4.95 -24.08 27.19
CA SER A 765 -3.67 -23.65 27.73
C SER A 765 -2.55 -24.26 26.91
N LEU A 766 -1.71 -23.42 26.32
CA LEU A 766 -0.56 -23.88 25.56
C LEU A 766 0.68 -23.89 26.44
N ALA A 767 1.38 -25.02 26.46
CA ALA A 767 2.68 -25.13 27.11
C ALA A 767 3.78 -24.89 26.08
N ALA A 768 4.89 -24.33 26.55
CA ALA A 768 5.96 -23.91 25.64
C ALA A 768 6.51 -25.09 24.86
N ASN A 769 6.55 -24.94 23.54
CA ASN A 769 7.10 -25.95 22.62
C ASN A 769 6.39 -27.28 22.71
N THR A 770 5.12 -27.27 23.12
CA THR A 770 4.31 -28.47 23.21
C THR A 770 3.05 -28.25 22.38
N ALA A 771 3.04 -28.78 21.17
CA ALA A 771 1.93 -28.57 20.24
C ALA A 771 0.71 -29.38 20.63
N GLN A 772 -0.45 -28.90 20.19
CA GLN A 772 -1.72 -29.59 20.39
C GLN A 772 -2.48 -29.60 19.08
N THR A 773 -3.32 -30.62 18.91
CA THR A 773 -4.09 -30.82 17.69
C THR A 773 -5.58 -30.88 18.01
N PHE A 774 -6.38 -30.18 17.21
CA PHE A 774 -7.83 -30.07 17.44
C PHE A 774 -8.56 -30.43 16.16
N THR A 775 -9.31 -31.53 16.20
CA THR A 775 -9.96 -32.07 15.01
C THR A 775 -11.47 -31.83 15.05
P XGP B . -9.64 3.32 -7.04
C1 XGP B . -9.65 3.71 -4.47
C2 XGP B . -10.50 3.22 -3.30
O2 XGP B . -11.88 3.44 -3.61
C3 XGP B . -10.16 3.90 -2.02
O3 XGP B . -10.87 3.22 -0.95
C4 XGP B . -8.69 3.87 -1.74
O4 XGP B . -8.43 4.56 -0.51
C5 XGP B . -7.91 4.51 -2.89
O5 XGP B . -8.18 3.82 -4.17
C6 XGP B . -6.43 4.45 -2.60
O6 XGP B . -5.91 3.22 -3.01
O1 XGP B . -9.83 2.82 -5.47
OP2 XGP B . -10.22 2.27 -7.96
OP3 XGP B . -8.16 3.49 -7.34
OP4 XGP B . -10.35 4.63 -7.23
MG MG C . 28.06 18.41 -19.98
#